data_6YVY
#
_entry.id   6YVY
#
_cell.length_a   113.974
_cell.length_b   75.856
_cell.length_c   172.640
_cell.angle_alpha   90.000
_cell.angle_beta   102.660
_cell.angle_gamma   90.000
#
_symmetry.space_group_name_H-M   'C 1 2 1'
#
loop_
_entity.id
_entity.type
_entity.pdbx_description
1 polymer 'Focal adhesion kinase 1'
2 non-polymer 4-{[4-{[(1R,2R)-2-(dimethylamino)cyclopentyl]amino}-5-(trifluoromethyl)pyrimidin-2-yl]amino}-N-methylbenzenesulfonamide
3 non-polymer 'SULFATE ION'
4 water water
#
_entity_poly.entity_id   1
_entity_poly.type   'polypeptide(L)'
_entity_poly.pdbx_seq_one_letter_code
;GSGSTRDYEIQRERIELGRCIGEGQFGDVHQGIYMSPENPALAVAIKTCKNCTSDSVREKFLQEALTMRQFDHPHIVKLI
GVITENPVWIIMELCTLGELRSFLQVRKYSLDLASLILYAYQLSTALAYLESKRFVHRDIAARNVLVSSNDCVKLGDFGL
SRYMEDSTYYKASKGKLPIKWMAPESINFRRFTSASDVWMFGVCMWEILMHGVKPFQGVKNNDVIGRIENGERLPMPPNC
PPTLYSLMTKCWAYDPSRRPRFTELKAQLSTILEEEKAQQEE
;
_entity_poly.pdbx_strand_id   A,B,C,D
#
loop_
_chem_comp.id
_chem_comp.type
_chem_comp.name
_chem_comp.formula
P1E non-polymer 4-{[4-{[(1R,2R)-2-(dimethylamino)cyclopentyl]amino}-5-(trifluoromethyl)pyrimidin-2-yl]amino}-N-methylbenzenesulfonamide 'C19 H25 F3 N6 O2 S'
SO4 non-polymer 'SULFATE ION' 'O4 S -2'
#
# COMPACT_ATOMS: atom_id res chain seq x y z
N THR A 5 21.15 28.78 1.00
CA THR A 5 19.74 28.39 0.90
C THR A 5 18.91 29.04 2.03
N ARG A 6 17.83 29.73 1.65
CA ARG A 6 16.94 30.43 2.60
C ARG A 6 16.37 29.56 3.72
N ASP A 7 15.97 30.16 4.83
CA ASP A 7 15.38 29.42 5.94
C ASP A 7 13.94 29.01 5.55
N TYR A 8 13.57 27.75 5.85
CA TYR A 8 12.21 27.31 5.58
C TYR A 8 11.61 27.03 6.92
N GLU A 9 12.20 26.12 7.69
CA GLU A 9 11.71 25.79 9.01
C GLU A 9 12.20 26.86 9.98
N ILE A 10 11.29 27.42 10.77
CA ILE A 10 11.71 28.47 11.75
C ILE A 10 11.27 28.03 13.15
N GLN A 11 12.01 28.48 14.16
CA GLN A 11 11.80 28.10 15.55
C GLN A 11 10.56 28.78 16.14
N ARG A 12 9.66 28.01 16.81
CA ARG A 12 8.48 28.62 17.43
C ARG A 12 8.84 29.63 18.52
N GLU A 13 9.93 29.39 19.27
CA GLU A 13 10.38 30.32 20.31
C GLU A 13 10.74 31.72 19.77
N ARG A 14 10.93 31.85 18.46
CA ARG A 14 11.22 33.13 17.82
C ARG A 14 9.95 33.83 17.30
N ILE A 15 8.76 33.31 17.63
CA ILE A 15 7.51 33.93 17.22
C ILE A 15 6.75 34.37 18.45
N GLU A 16 6.22 35.57 18.42
CA GLU A 16 5.38 36.08 19.49
C GLU A 16 4.01 36.26 18.84
N LEU A 17 3.01 35.51 19.28
CA LEU A 17 1.67 35.58 18.70
C LEU A 17 0.91 36.77 19.25
N GLY A 18 0.31 37.56 18.36
CA GLY A 18 -0.49 38.72 18.73
C GLY A 18 -1.98 38.53 18.44
N ARG A 19 -2.67 39.62 18.10
CA ARG A 19 -4.11 39.61 17.85
C ARG A 19 -4.52 38.88 16.58
N CYS A 20 -5.74 38.33 16.57
CA CYS A 20 -6.29 37.68 15.41
C CYS A 20 -6.64 38.77 14.39
N ILE A 21 -6.18 38.63 13.14
CA ILE A 21 -6.45 39.61 12.08
C ILE A 21 -7.44 39.08 11.02
N GLY A 22 -8.04 37.92 11.26
CA GLY A 22 -9.01 37.36 10.34
C GLY A 22 -8.99 35.86 10.26
N GLU A 23 -9.76 35.34 9.33
CA GLU A 23 -9.84 33.91 9.12
C GLU A 23 -9.35 33.53 7.76
N GLY A 24 -8.68 32.40 7.71
CA GLY A 24 -8.20 31.81 6.48
C GLY A 24 -8.97 30.52 6.22
N GLN A 25 -8.63 29.87 5.11
CA GLN A 25 -9.25 28.63 4.70
C GLN A 25 -9.00 27.52 5.72
N PHE A 26 -7.79 27.47 6.28
CA PHE A 26 -7.44 26.41 7.22
C PHE A 26 -7.60 26.78 8.70
N GLY A 27 -7.80 28.05 9.00
CA GLY A 27 -7.91 28.49 10.39
C GLY A 27 -7.67 29.98 10.57
N ASP A 28 -7.68 30.45 11.80
CA ASP A 28 -7.45 31.86 12.10
C ASP A 28 -6.04 32.32 11.73
N VAL A 29 -5.92 33.58 11.39
CA VAL A 29 -4.65 34.22 11.07
C VAL A 29 -4.41 35.29 12.14
N HIS A 30 -3.19 35.35 12.69
CA HIS A 30 -2.87 36.33 13.72
C HIS A 30 -1.76 37.24 13.26
N GLN A 31 -1.71 38.43 13.80
CA GLN A 31 -0.59 39.33 13.63
C GLN A 31 0.44 38.87 14.71
N GLY A 32 1.72 39.10 14.49
CA GLY A 32 2.74 38.73 15.45
C GLY A 32 4.09 39.32 15.13
N ILE A 33 5.12 38.79 15.80
CA ILE A 33 6.49 39.26 15.62
C ILE A 33 7.40 38.07 15.43
N TYR A 34 8.33 38.17 14.48
CA TYR A 34 9.34 37.15 14.27
C TYR A 34 10.64 37.80 14.72
N MET A 35 11.27 37.21 15.76
CA MET A 35 12.53 37.68 16.30
C MET A 35 13.63 37.04 15.47
N SER A 36 13.91 37.68 14.34
CA SER A 36 14.89 37.30 13.33
C SER A 36 16.25 37.03 13.98
N PRO A 37 16.91 35.91 13.62
CA PRO A 37 18.20 35.59 14.24
C PRO A 37 19.30 36.65 14.12
N GLU A 38 19.41 37.41 13.00
CA GLU A 38 20.48 38.41 12.89
C GLU A 38 20.03 39.79 12.43
N ASN A 39 18.73 40.05 12.45
CA ASN A 39 18.18 41.33 12.00
C ASN A 39 17.10 41.88 12.98
N PRO A 40 16.52 43.09 12.76
CA PRO A 40 15.47 43.56 13.68
C PRO A 40 14.23 42.66 13.67
N ALA A 41 13.41 42.74 14.72
CA ALA A 41 12.17 41.97 14.81
C ALA A 41 11.18 42.38 13.70
N LEU A 42 10.59 41.40 13.01
CA LEU A 42 9.69 41.68 11.90
C LEU A 42 8.26 41.52 12.29
N ALA A 43 7.37 42.35 11.73
CA ALA A 43 5.93 42.25 11.94
C ALA A 43 5.49 41.17 10.93
N VAL A 44 4.72 40.16 11.41
CA VAL A 44 4.35 39.03 10.56
C VAL A 44 2.86 38.67 10.70
N ALA A 45 2.33 37.88 9.74
CA ALA A 45 1.00 37.28 9.75
C ALA A 45 1.24 35.79 9.97
N ILE A 46 0.65 35.22 11.01
CA ILE A 46 0.84 33.82 11.34
C ILE A 46 -0.45 33.07 10.99
N LYS A 47 -0.38 32.25 9.93
CA LYS A 47 -1.51 31.45 9.49
C LYS A 47 -1.53 30.18 10.30
N THR A 48 -2.64 29.92 10.97
CA THR A 48 -2.79 28.71 11.76
C THR A 48 -3.66 27.73 10.96
N CYS A 49 -3.52 26.45 11.31
CA CYS A 49 -4.29 25.34 10.67
C CYS A 49 -4.99 24.55 11.78
N LYS A 50 -6.32 24.57 11.76
CA LYS A 50 -7.18 23.94 12.79
C LYS A 50 -7.02 22.42 12.84
N ASN A 51 -6.98 21.77 11.68
CA ASN A 51 -6.94 20.28 11.62
C ASN A 51 -5.58 19.76 11.11
N CYS A 52 -4.51 20.53 11.31
CA CYS A 52 -3.24 20.10 10.78
C CYS A 52 -2.58 18.96 11.57
N THR A 53 -3.23 18.47 12.66
CA THR A 53 -2.77 17.24 13.32
C THR A 53 -2.89 16.03 12.33
N SER A 54 -3.64 16.20 11.23
CA SER A 54 -3.75 15.24 10.17
C SER A 54 -2.66 15.64 9.17
N ASP A 55 -1.77 14.69 8.83
CA ASP A 55 -0.73 14.96 7.84
C ASP A 55 -1.29 15.24 6.44
N SER A 56 -2.51 14.76 6.15
CA SER A 56 -3.16 15.01 4.86
C SER A 56 -3.57 16.50 4.77
N VAL A 57 -4.11 17.06 5.87
CA VAL A 57 -4.48 18.48 5.89
C VAL A 57 -3.23 19.34 5.92
N ARG A 58 -2.21 18.91 6.69
CA ARG A 58 -0.92 19.60 6.78
C ARG A 58 -0.27 19.77 5.40
N GLU A 59 -0.32 18.72 4.56
CA GLU A 59 0.27 18.74 3.23
C GLU A 59 -0.44 19.79 2.35
N LYS A 60 -1.77 19.86 2.43
CA LYS A 60 -2.54 20.82 1.65
C LYS A 60 -2.25 22.25 2.11
N PHE A 61 -2.17 22.44 3.44
CA PHE A 61 -1.90 23.74 4.05
C PHE A 61 -0.50 24.26 3.66
N LEU A 62 0.50 23.39 3.77
CA LEU A 62 1.88 23.77 3.47
C LEU A 62 2.20 23.93 1.97
N GLN A 63 1.36 23.42 1.05
CA GLN A 63 1.57 23.51 -0.41
C GLN A 63 1.82 24.94 -0.86
N GLU A 64 1.06 25.90 -0.34
CA GLU A 64 1.24 27.31 -0.73
C GLU A 64 2.56 27.88 -0.24
N ALA A 65 2.98 27.49 1.00
CA ALA A 65 4.27 27.94 1.53
C ALA A 65 5.42 27.41 0.66
N LEU A 66 5.28 26.18 0.13
CA LEU A 66 6.31 25.62 -0.76
C LEU A 66 6.43 26.47 -2.02
N THR A 67 5.29 26.91 -2.56
CA THR A 67 5.30 27.78 -3.74
C THR A 67 5.97 29.12 -3.40
N MET A 68 5.55 29.75 -2.29
CA MET A 68 6.09 31.06 -1.91
C MET A 68 7.58 31.10 -1.68
N ARG A 69 8.19 30.01 -1.20
CA ARG A 69 9.63 30.00 -0.94
CA ARG A 69 9.64 29.97 -0.94
C ARG A 69 10.46 30.32 -2.19
N GLN A 70 9.92 30.03 -3.38
CA GLN A 70 10.60 30.29 -4.65
C GLN A 70 10.58 31.76 -5.06
N PHE A 71 9.76 32.62 -4.43
CA PHE A 71 9.64 34.00 -4.87
C PHE A 71 10.34 35.03 -4.00
N ASP A 72 10.82 36.08 -4.64
CA ASP A 72 11.45 37.21 -3.99
C ASP A 72 11.20 38.46 -4.84
N HIS A 73 10.14 39.20 -4.54
CA HIS A 73 9.79 40.40 -5.29
C HIS A 73 9.15 41.42 -4.37
N PRO A 74 9.47 42.72 -4.55
CA PRO A 74 8.87 43.75 -3.67
C PRO A 74 7.34 43.82 -3.67
N HIS A 75 6.66 43.29 -4.69
CA HIS A 75 5.17 43.36 -4.73
C HIS A 75 4.52 41.99 -4.64
N ILE A 76 5.19 41.05 -3.96
CA ILE A 76 4.68 39.71 -3.66
C ILE A 76 4.95 39.48 -2.18
N VAL A 77 3.93 39.09 -1.42
CA VAL A 77 4.07 38.88 0.02
C VAL A 77 5.16 37.80 0.31
N LYS A 78 6.10 38.13 1.15
CA LYS A 78 7.22 37.27 1.46
C LYS A 78 6.91 36.18 2.47
N LEU A 79 7.34 34.97 2.18
CA LEU A 79 7.22 33.86 3.13
C LEU A 79 8.41 34.01 4.06
N ILE A 80 8.16 34.05 5.36
CA ILE A 80 9.24 34.12 6.34
C ILE A 80 9.71 32.70 6.70
N GLY A 81 8.76 31.82 6.92
CA GLY A 81 9.05 30.43 7.21
C GLY A 81 7.81 29.65 7.64
N VAL A 82 8.01 28.40 8.04
CA VAL A 82 6.92 27.54 8.49
C VAL A 82 7.39 26.83 9.77
N ILE A 83 6.43 26.35 10.55
CA ILE A 83 6.68 25.55 11.75
C ILE A 83 5.88 24.30 11.51
N THR A 84 6.57 23.20 11.33
CA THR A 84 5.95 21.94 10.96
C THR A 84 5.45 21.14 12.17
N GLU A 85 5.88 21.46 13.40
CA GLU A 85 5.38 20.77 14.59
C GLU A 85 3.98 21.31 14.94
N ASN A 86 3.16 20.49 15.62
CA ASN A 86 1.81 20.89 16.00
C ASN A 86 1.86 21.93 17.14
N PRO A 87 1.16 23.07 17.02
CA PRO A 87 0.31 23.51 15.89
C PRO A 87 1.09 24.06 14.70
N VAL A 88 0.80 23.56 13.50
CA VAL A 88 1.47 23.97 12.27
C VAL A 88 1.12 25.40 11.90
N TRP A 89 2.16 26.23 11.65
CA TRP A 89 1.96 27.62 11.28
C TRP A 89 2.71 27.98 9.99
N ILE A 90 2.18 28.94 9.23
CA ILE A 90 2.88 29.52 8.08
C ILE A 90 3.10 30.98 8.47
N ILE A 91 4.35 31.44 8.43
CA ILE A 91 4.65 32.80 8.83
C ILE A 91 4.97 33.64 7.59
N MET A 92 4.11 34.60 7.30
CA MET A 92 4.29 35.54 6.18
C MET A 92 4.65 36.92 6.73
N GLU A 93 5.17 37.81 5.86
CA GLU A 93 5.37 39.20 6.22
C GLU A 93 3.96 39.83 6.38
N LEU A 94 3.83 40.76 7.33
CA LEU A 94 2.56 41.41 7.55
C LEU A 94 2.45 42.59 6.60
N CYS A 95 1.31 42.77 5.99
CA CYS A 95 1.05 43.98 5.18
C CYS A 95 0.08 44.71 6.07
N THR A 96 0.57 45.72 6.75
CA THR A 96 -0.15 46.37 7.83
C THR A 96 -1.52 46.92 7.51
N LEU A 97 -1.75 47.41 6.29
CA LEU A 97 -3.05 47.99 5.96
C LEU A 97 -4.12 46.97 5.52
N GLY A 98 -3.79 45.68 5.50
CA GLY A 98 -4.77 44.63 5.21
C GLY A 98 -5.17 44.44 3.77
N GLU A 99 -6.36 43.84 3.56
CA GLU A 99 -6.93 43.50 2.25
C GLU A 99 -7.21 44.72 1.35
N LEU A 100 -6.79 44.67 0.09
CA LEU A 100 -7.00 45.77 -0.87
C LEU A 100 -8.45 46.20 -1.05
N ARG A 101 -9.41 45.25 -1.19
CA ARG A 101 -10.81 45.61 -1.41
C ARG A 101 -11.37 46.46 -0.31
N SER A 102 -11.15 46.04 0.95
N SER A 102 -11.15 46.04 0.94
CA SER A 102 -11.63 46.81 2.09
CA SER A 102 -11.64 46.80 2.09
C SER A 102 -10.98 48.18 2.15
C SER A 102 -10.98 48.18 2.13
N PHE A 103 -9.67 48.24 1.89
CA PHE A 103 -8.91 49.48 1.92
C PHE A 103 -9.48 50.51 0.90
N LEU A 104 -9.70 50.07 -0.36
CA LEU A 104 -10.24 50.95 -1.40
C LEU A 104 -11.68 51.35 -1.11
N GLN A 105 -12.49 50.41 -0.59
CA GLN A 105 -13.90 50.71 -0.30
C GLN A 105 -14.00 51.83 0.76
N VAL A 106 -13.15 51.76 1.79
CA VAL A 106 -13.13 52.73 2.88
C VAL A 106 -12.66 54.09 2.41
N ARG A 107 -11.73 54.12 1.46
CA ARG A 107 -11.16 55.37 0.98
C ARG A 107 -11.65 55.78 -0.38
N LYS A 108 -12.82 55.31 -0.83
CA LYS A 108 -13.32 55.62 -2.19
C LYS A 108 -13.34 57.12 -2.54
N TYR A 109 -13.53 58.00 -1.55
CA TYR A 109 -13.56 59.44 -1.81
C TYR A 109 -12.34 60.18 -1.30
N SER A 110 -11.23 59.47 -1.09
CA SER A 110 -10.03 60.09 -0.57
C SER A 110 -8.77 59.63 -1.29
N LEU A 111 -8.77 58.44 -1.90
CA LEU A 111 -7.59 57.96 -2.63
C LEU A 111 -7.56 58.64 -3.98
N ASP A 112 -6.45 59.29 -4.32
CA ASP A 112 -6.39 59.90 -5.64
C ASP A 112 -6.16 58.82 -6.73
N LEU A 113 -6.52 59.18 -7.95
CA LEU A 113 -6.40 58.31 -9.12
C LEU A 113 -4.97 57.81 -9.32
N ALA A 114 -3.95 58.67 -9.07
CA ALA A 114 -2.56 58.28 -9.22
C ALA A 114 -2.20 57.11 -8.31
N SER A 115 -2.82 57.01 -7.13
CA SER A 115 -2.58 55.87 -6.24
C SER A 115 -3.21 54.61 -6.82
N LEU A 116 -4.42 54.70 -7.38
CA LEU A 116 -5.07 53.51 -7.98
C LEU A 116 -4.22 52.97 -9.16
N ILE A 117 -3.73 53.88 -10.02
CA ILE A 117 -2.88 53.48 -11.14
C ILE A 117 -1.56 52.89 -10.65
N LEU A 118 -0.98 53.47 -9.60
CA LEU A 118 0.23 52.94 -9.01
C LEU A 118 0.04 51.50 -8.52
N TYR A 119 -1.11 51.19 -7.90
CA TYR A 119 -1.38 49.82 -7.44
C TYR A 119 -1.41 48.85 -8.62
N ALA A 120 -2.05 49.24 -9.73
CA ALA A 120 -2.13 48.42 -10.92
C ALA A 120 -0.72 48.23 -11.51
N TYR A 121 0.08 49.31 -11.56
CA TYR A 121 1.47 49.24 -12.05
C TYR A 121 2.29 48.23 -11.20
N GLN A 122 2.23 48.36 -9.88
CA GLN A 122 2.99 47.49 -8.97
C GLN A 122 2.63 46.04 -9.17
N LEU A 123 1.31 45.76 -9.29
CA LEU A 123 0.82 44.40 -9.55
C LEU A 123 1.30 43.87 -10.91
N SER A 124 1.28 44.69 -11.99
CA SER A 124 1.82 44.26 -13.28
C SER A 124 3.33 43.83 -13.15
N THR A 125 4.16 44.50 -12.31
CA THR A 125 5.59 44.14 -12.14
C THR A 125 5.71 42.76 -11.43
N ALA A 126 4.81 42.48 -10.48
CA ALA A 126 4.78 41.22 -9.76
C ALA A 126 4.36 40.09 -10.72
N LEU A 127 3.44 40.37 -11.63
CA LEU A 127 2.95 39.35 -12.59
C LEU A 127 3.95 39.11 -13.73
N ALA A 128 4.71 40.12 -14.12
CA ALA A 128 5.81 39.93 -15.09
C ALA A 128 6.89 39.05 -14.40
N TYR A 129 7.18 39.29 -13.12
CA TYR A 129 8.12 38.47 -12.34
C TYR A 129 7.63 37.04 -12.28
N LEU A 130 6.34 36.79 -11.97
CA LEU A 130 5.79 35.44 -11.92
C LEU A 130 5.91 34.72 -13.25
N GLU A 131 5.62 35.43 -14.35
CA GLU A 131 5.74 34.89 -15.68
C GLU A 131 7.18 34.46 -15.96
N SER A 132 8.15 35.31 -15.56
CA SER A 132 9.58 35.05 -15.73
C SER A 132 10.02 33.81 -14.89
N LYS A 133 9.27 33.47 -13.80
CA LYS A 133 9.54 32.29 -12.94
C LYS A 133 8.78 31.04 -13.45
N ARG A 134 7.98 31.16 -14.54
CA ARG A 134 7.18 30.09 -15.15
C ARG A 134 5.97 29.70 -14.31
N PHE A 135 5.40 30.66 -13.60
CA PHE A 135 4.19 30.41 -12.81
C PHE A 135 3.01 31.09 -13.44
N VAL A 136 1.85 30.41 -13.37
CA VAL A 136 0.54 30.94 -13.74
C VAL A 136 -0.18 31.07 -12.41
N HIS A 137 -0.66 32.27 -12.13
CA HIS A 137 -1.28 32.55 -10.84
C HIS A 137 -2.66 31.89 -10.75
N ARG A 138 -3.49 32.10 -11.77
CA ARG A 138 -4.83 31.54 -11.94
C ARG A 138 -5.89 32.12 -11.00
N ASP A 139 -5.56 33.10 -10.16
CA ASP A 139 -6.53 33.68 -9.23
C ASP A 139 -6.27 35.17 -8.98
N ILE A 140 -6.06 35.91 -10.04
CA ILE A 140 -5.75 37.34 -9.93
C ILE A 140 -7.01 38.07 -9.74
N ALA A 141 -7.18 38.66 -8.54
CA ALA A 141 -8.37 39.39 -8.13
C ALA A 141 -7.99 40.33 -6.98
N ALA A 142 -8.74 41.43 -6.82
CA ALA A 142 -8.44 42.40 -5.75
C ALA A 142 -8.50 41.78 -4.36
N ARG A 143 -9.31 40.73 -4.17
CA ARG A 143 -9.40 40.03 -2.88
C ARG A 143 -8.07 39.38 -2.50
N ASN A 144 -7.22 39.07 -3.49
CA ASN A 144 -5.92 38.43 -3.24
C ASN A 144 -4.75 39.42 -3.19
N VAL A 145 -5.04 40.71 -3.05
CA VAL A 145 -4.02 41.73 -2.96
C VAL A 145 -4.05 42.34 -1.54
N LEU A 146 -2.88 42.66 -1.01
CA LEU A 146 -2.71 43.19 0.33
C LEU A 146 -2.04 44.55 0.25
N VAL A 147 -2.23 45.39 1.27
CA VAL A 147 -1.67 46.74 1.29
C VAL A 147 -0.62 46.88 2.38
N SER A 148 0.63 47.09 1.94
CA SER A 148 1.77 47.25 2.86
C SER A 148 1.81 48.66 3.42
N SER A 149 1.52 49.64 2.57
CA SER A 149 1.50 51.06 2.90
C SER A 149 0.65 51.76 1.84
N ASN A 150 0.36 53.06 2.00
CA ASN A 150 -0.41 53.81 1.00
C ASN A 150 0.15 53.75 -0.40
N ASP A 151 1.47 53.54 -0.53
N ASP A 151 1.48 53.57 -0.53
CA ASP A 151 2.10 53.50 -1.85
CA ASP A 151 2.19 53.54 -1.81
C ASP A 151 2.72 52.13 -2.16
C ASP A 151 2.76 52.14 -2.13
N CYS A 152 2.20 51.05 -1.58
CA CYS A 152 2.71 49.70 -1.84
C CYS A 152 1.66 48.62 -1.64
N VAL A 153 1.36 47.90 -2.71
CA VAL A 153 0.49 46.73 -2.67
C VAL A 153 1.31 45.48 -2.96
N LYS A 154 0.82 44.34 -2.50
CA LYS A 154 1.51 43.08 -2.70
C LYS A 154 0.51 41.97 -3.09
N LEU A 155 0.89 41.13 -4.05
CA LEU A 155 0.04 39.96 -4.41
C LEU A 155 0.24 38.97 -3.25
N GLY A 156 -0.84 38.55 -2.59
CA GLY A 156 -0.68 37.73 -1.36
C GLY A 156 -1.35 36.37 -1.30
N ASP A 157 -2.05 35.92 -2.34
CA ASP A 157 -2.68 34.58 -2.25
C ASP A 157 -2.17 33.74 -3.43
N PHE A 158 -1.57 32.58 -3.16
CA PHE A 158 -1.04 31.75 -4.23
C PHE A 158 -1.63 30.32 -4.22
N GLY A 159 -2.83 30.17 -3.67
CA GLY A 159 -3.52 28.89 -3.52
C GLY A 159 -3.70 28.12 -4.81
N LEU A 160 -4.07 28.80 -5.89
CA LEU A 160 -4.27 28.14 -7.19
C LEU A 160 -3.06 28.19 -8.12
N SER A 161 -1.98 28.86 -7.73
CA SER A 161 -0.82 29.03 -8.58
C SER A 161 -0.12 27.71 -8.95
N ARG A 162 0.45 27.66 -10.16
CA ARG A 162 1.09 26.46 -10.70
C ARG A 162 2.38 26.79 -11.42
N TYR A 163 3.40 25.96 -11.14
CA TYR A 163 4.72 26.00 -11.76
C TYR A 163 4.55 25.20 -13.05
N MET A 164 4.80 25.83 -14.19
CA MET A 164 4.61 25.20 -15.49
C MET A 164 5.89 24.62 -16.10
N GLY A 175 -12.25 23.42 -4.87
CA GLY A 175 -12.67 24.79 -4.58
C GLY A 175 -13.43 25.43 -5.72
N LYS A 176 -14.31 26.40 -5.39
CA LYS A 176 -15.14 27.13 -6.36
C LYS A 176 -14.27 27.94 -7.31
N LEU A 177 -14.59 27.91 -8.61
CA LEU A 177 -13.85 28.61 -9.64
C LEU A 177 -14.21 30.09 -9.70
N PRO A 178 -13.21 30.98 -9.85
CA PRO A 178 -13.53 32.44 -9.94
C PRO A 178 -13.92 32.82 -11.38
N ILE A 179 -15.06 32.29 -11.86
CA ILE A 179 -15.61 32.47 -13.19
C ILE A 179 -15.64 33.91 -13.66
N LYS A 180 -16.07 34.85 -12.78
CA LYS A 180 -16.19 36.29 -13.13
C LYS A 180 -14.86 36.98 -13.45
N TRP A 181 -13.75 36.31 -13.11
CA TRP A 181 -12.42 36.83 -13.36
C TRP A 181 -11.70 36.06 -14.48
N MET A 182 -12.18 34.87 -14.89
CA MET A 182 -11.49 33.96 -15.80
C MET A 182 -11.61 34.24 -17.28
N ALA A 183 -10.51 33.97 -18.01
CA ALA A 183 -10.45 34.10 -19.46
C ALA A 183 -11.33 33.02 -20.07
N PRO A 184 -11.96 33.31 -21.21
CA PRO A 184 -12.87 32.30 -21.83
C PRO A 184 -12.23 30.95 -22.07
N GLU A 185 -10.96 30.89 -22.53
CA GLU A 185 -10.30 29.60 -22.76
C GLU A 185 -10.09 28.80 -21.46
N SER A 186 -10.05 29.49 -20.31
CA SER A 186 -9.91 28.82 -19.02
C SER A 186 -11.25 28.17 -18.63
N ILE A 187 -12.36 28.89 -18.86
CA ILE A 187 -13.69 28.41 -18.52
C ILE A 187 -14.06 27.24 -19.46
N ASN A 188 -13.86 27.44 -20.77
CA ASN A 188 -14.24 26.46 -21.76
C ASN A 188 -13.32 25.27 -21.86
N PHE A 189 -11.98 25.47 -21.76
CA PHE A 189 -11.06 24.35 -21.99
C PHE A 189 -10.09 24.03 -20.88
N ARG A 190 -10.19 24.72 -19.76
CA ARG A 190 -9.25 24.51 -18.65
C ARG A 190 -7.82 24.86 -19.08
N ARG A 191 -7.67 25.89 -19.93
CA ARG A 191 -6.36 26.34 -20.37
C ARG A 191 -5.93 27.52 -19.52
N PHE A 192 -4.81 27.38 -18.81
CA PHE A 192 -4.27 28.45 -17.96
C PHE A 192 -2.86 28.80 -18.41
N THR A 193 -2.70 29.98 -18.97
CA THR A 193 -1.42 30.46 -19.48
C THR A 193 -1.13 31.88 -18.86
N SER A 194 0.00 32.49 -19.22
CA SER A 194 0.29 33.85 -18.82
C SER A 194 -0.73 34.81 -19.50
N ALA A 195 -1.26 34.45 -20.70
CA ALA A 195 -2.29 35.26 -21.39
C ALA A 195 -3.64 35.22 -20.63
N SER A 196 -3.97 34.09 -20.02
CA SER A 196 -5.21 33.99 -19.22
C SER A 196 -5.04 34.78 -17.91
N ASP A 197 -3.80 34.84 -17.36
CA ASP A 197 -3.51 35.70 -16.19
C ASP A 197 -3.69 37.19 -16.58
N VAL A 198 -3.36 37.56 -17.81
CA VAL A 198 -3.53 38.93 -18.33
C VAL A 198 -4.98 39.30 -18.32
N TRP A 199 -5.88 38.37 -18.75
CA TRP A 199 -7.31 38.61 -18.73
C TRP A 199 -7.79 38.93 -17.27
N MET A 200 -7.40 38.09 -16.30
CA MET A 200 -7.73 38.24 -14.90
C MET A 200 -7.19 39.55 -14.34
N PHE A 201 -5.95 39.91 -14.70
CA PHE A 201 -5.34 41.15 -14.28
C PHE A 201 -6.15 42.35 -14.81
N GLY A 202 -6.71 42.26 -16.02
CA GLY A 202 -7.59 43.30 -16.54
C GLY A 202 -8.80 43.48 -15.63
N VAL A 203 -9.38 42.36 -15.15
CA VAL A 203 -10.53 42.41 -14.23
C VAL A 203 -10.10 43.03 -12.89
N CYS A 204 -8.93 42.63 -12.38
CA CYS A 204 -8.40 43.17 -11.16
C CYS A 204 -8.12 44.70 -11.26
N MET A 205 -7.67 45.19 -12.43
CA MET A 205 -7.48 46.63 -12.65
C MET A 205 -8.83 47.33 -12.62
N TRP A 206 -9.86 46.71 -13.20
CA TRP A 206 -11.23 47.23 -13.19
C TRP A 206 -11.73 47.33 -11.73
N GLU A 207 -11.49 46.30 -10.92
CA GLU A 207 -11.86 46.32 -9.50
C GLU A 207 -11.19 47.47 -8.75
N ILE A 208 -9.90 47.72 -9.01
CA ILE A 208 -9.17 48.80 -8.34
C ILE A 208 -9.78 50.16 -8.73
N LEU A 209 -9.98 50.38 -10.02
CA LEU A 209 -10.56 51.63 -10.52
C LEU A 209 -12.03 51.79 -10.09
N MET A 210 -12.73 50.69 -9.77
CA MET A 210 -14.10 50.72 -9.23
C MET A 210 -14.13 50.78 -7.68
N HIS A 211 -12.99 51.03 -7.03
CA HIS A 211 -12.86 51.13 -5.59
C HIS A 211 -13.30 49.86 -4.85
N GLY A 212 -12.94 48.70 -5.37
CA GLY A 212 -13.24 47.44 -4.72
C GLY A 212 -14.63 46.85 -4.93
N VAL A 213 -15.35 47.34 -5.93
CA VAL A 213 -16.63 46.75 -6.31
C VAL A 213 -16.34 45.43 -7.08
N LYS A 214 -17.14 44.37 -6.88
CA LYS A 214 -16.89 43.10 -7.58
C LYS A 214 -17.42 43.16 -9.02
N PRO A 215 -16.76 42.47 -9.97
CA PRO A 215 -17.26 42.44 -11.34
C PRO A 215 -18.53 41.60 -11.47
N PHE A 216 -19.43 42.00 -12.37
CA PHE A 216 -20.68 41.29 -12.67
C PHE A 216 -21.54 41.02 -11.45
N GLN A 217 -21.71 42.03 -10.56
CA GLN A 217 -22.57 41.85 -9.37
C GLN A 217 -24.00 41.59 -9.81
N GLY A 218 -24.67 40.65 -9.15
CA GLY A 218 -26.05 40.33 -9.50
C GLY A 218 -26.21 39.45 -10.73
N VAL A 219 -25.09 38.99 -11.32
CA VAL A 219 -25.13 38.11 -12.49
C VAL A 219 -24.71 36.70 -12.05
N LYS A 220 -25.48 35.68 -12.43
CA LYS A 220 -25.15 34.30 -12.06
C LYS A 220 -23.89 33.84 -12.78
N ASN A 221 -23.04 33.02 -12.12
CA ASN A 221 -21.79 32.50 -12.70
C ASN A 221 -22.00 31.84 -14.05
N ASN A 222 -23.05 30.99 -14.18
CA ASN A 222 -23.38 30.28 -15.41
C ASN A 222 -23.75 31.24 -16.56
N ASP A 223 -24.20 32.46 -16.25
CA ASP A 223 -24.56 33.45 -17.28
C ASP A 223 -23.38 34.37 -17.68
N VAL A 224 -22.24 34.30 -16.96
CA VAL A 224 -21.09 35.16 -17.27
C VAL A 224 -20.51 34.79 -18.61
N ILE A 225 -20.33 33.47 -18.81
CA ILE A 225 -19.84 32.79 -19.98
C ILE A 225 -20.51 33.33 -21.26
N GLY A 226 -21.83 33.39 -21.26
CA GLY A 226 -22.61 33.83 -22.40
C GLY A 226 -22.38 35.28 -22.72
N ARG A 227 -22.33 36.14 -21.71
CA ARG A 227 -22.09 37.56 -21.93
C ARG A 227 -20.71 37.79 -22.53
N ILE A 228 -19.67 37.16 -21.96
CA ILE A 228 -18.30 37.28 -22.51
C ILE A 228 -18.21 36.80 -23.95
N GLU A 229 -18.78 35.60 -24.20
CA GLU A 229 -18.80 35.00 -25.53
C GLU A 229 -19.51 35.91 -26.55
N ASN A 230 -20.53 36.65 -26.09
CA ASN A 230 -21.26 37.60 -26.93
C ASN A 230 -20.54 38.95 -27.12
N GLY A 231 -19.32 39.09 -26.62
CA GLY A 231 -18.55 40.30 -26.78
C GLY A 231 -18.74 41.35 -25.69
N GLU A 232 -19.61 41.07 -24.71
CA GLU A 232 -19.87 41.98 -23.59
C GLU A 232 -18.68 42.06 -22.64
N ARG A 233 -18.38 43.26 -22.14
CA ARG A 233 -17.27 43.46 -21.24
C ARG A 233 -17.68 44.39 -20.09
N LEU A 234 -16.91 44.38 -19.00
CA LEU A 234 -17.07 45.28 -17.84
C LEU A 234 -16.99 46.73 -18.33
N PRO A 235 -17.87 47.60 -17.83
CA PRO A 235 -17.92 48.97 -18.36
C PRO A 235 -16.78 49.86 -17.85
N MET A 236 -16.58 51.00 -18.51
CA MET A 236 -15.53 51.93 -18.13
C MET A 236 -15.85 52.52 -16.77
N PRO A 237 -14.95 52.32 -15.78
CA PRO A 237 -15.20 52.87 -14.45
C PRO A 237 -15.24 54.39 -14.51
N PRO A 238 -16.16 55.02 -13.74
CA PRO A 238 -16.21 56.49 -13.72
C PRO A 238 -14.85 57.08 -13.29
N ASN A 239 -14.37 58.12 -14.00
CA ASN A 239 -13.05 58.74 -13.73
C ASN A 239 -11.82 57.91 -14.18
N CYS A 240 -12.03 56.75 -14.82
CA CYS A 240 -10.90 55.97 -15.31
C CYS A 240 -10.37 56.68 -16.55
N PRO A 241 -9.03 56.93 -16.64
CA PRO A 241 -8.50 57.56 -17.87
C PRO A 241 -8.78 56.69 -19.07
N PRO A 242 -9.23 57.29 -20.19
CA PRO A 242 -9.57 56.47 -21.36
C PRO A 242 -8.47 55.53 -21.82
N THR A 243 -7.19 55.97 -21.76
CA THR A 243 -6.05 55.14 -22.16
C THR A 243 -5.94 53.89 -21.28
N LEU A 244 -6.32 53.99 -20.00
CA LEU A 244 -6.29 52.87 -19.05
C LEU A 244 -7.46 51.92 -19.34
N TYR A 245 -8.64 52.45 -19.67
CA TYR A 245 -9.77 51.58 -19.99
C TYR A 245 -9.49 50.83 -21.29
N SER A 246 -8.87 51.51 -22.29
CA SER A 246 -8.47 50.88 -23.54
C SER A 246 -7.50 49.72 -23.27
N LEU A 247 -6.57 49.89 -22.34
CA LEU A 247 -5.60 48.87 -21.94
C LEU A 247 -6.34 47.69 -21.31
N MET A 248 -7.32 47.95 -20.42
CA MET A 248 -8.17 46.90 -19.86
C MET A 248 -8.88 46.09 -20.94
N THR A 249 -9.47 46.75 -21.96
CA THR A 249 -10.16 46.07 -23.04
C THR A 249 -9.23 45.20 -23.86
N LYS A 250 -7.96 45.58 -24.00
CA LYS A 250 -7.00 44.77 -24.70
C LYS A 250 -6.69 43.52 -23.85
N CYS A 251 -6.70 43.59 -22.51
CA CYS A 251 -6.53 42.40 -21.65
C CYS A 251 -7.71 41.44 -21.87
N TRP A 252 -8.86 41.96 -22.37
CA TRP A 252 -10.04 41.14 -22.58
C TRP A 252 -10.28 40.78 -24.03
N ALA A 253 -9.22 40.74 -24.86
CA ALA A 253 -9.36 40.27 -26.23
C ALA A 253 -9.69 38.78 -26.14
N TYR A 254 -10.70 38.32 -26.90
CA TYR A 254 -11.09 36.92 -26.86
C TYR A 254 -9.94 35.98 -27.20
N ASP A 255 -9.19 36.32 -28.25
CA ASP A 255 -8.02 35.56 -28.69
C ASP A 255 -6.88 35.93 -27.77
N PRO A 256 -6.32 34.97 -27.03
CA PRO A 256 -5.21 35.30 -26.13
C PRO A 256 -3.98 35.91 -26.84
N SER A 257 -3.73 35.59 -28.13
CA SER A 257 -2.62 36.17 -28.91
C SER A 257 -2.75 37.69 -29.09
N ARG A 258 -3.97 38.25 -28.97
CA ARG A 258 -4.18 39.69 -29.11
C ARG A 258 -4.10 40.46 -27.78
N ARG A 259 -3.89 39.75 -26.65
CA ARG A 259 -3.74 40.39 -25.36
C ARG A 259 -2.33 40.95 -25.23
N PRO A 260 -2.14 42.04 -24.49
CA PRO A 260 -0.78 42.50 -24.24
C PRO A 260 -0.05 41.51 -23.29
N ARG A 261 1.29 41.63 -23.26
CA ARG A 261 2.08 40.82 -22.34
C ARG A 261 2.31 41.62 -21.04
N PHE A 262 2.71 40.95 -19.92
CA PHE A 262 2.91 41.66 -18.67
C PHE A 262 4.00 42.74 -18.79
N THR A 263 5.10 42.48 -19.56
CA THR A 263 6.15 43.48 -19.79
C THR A 263 5.59 44.71 -20.54
N GLU A 264 4.62 44.49 -21.45
CA GLU A 264 3.98 45.59 -22.15
C GLU A 264 3.00 46.32 -21.20
N LEU A 265 2.28 45.59 -20.35
CA LEU A 265 1.36 46.19 -19.38
C LEU A 265 2.12 47.09 -18.42
N LYS A 266 3.28 46.64 -17.95
CA LYS A 266 4.13 47.41 -17.05
C LYS A 266 4.59 48.71 -17.70
N ALA A 267 5.10 48.66 -18.95
CA ALA A 267 5.54 49.88 -19.64
C ALA A 267 4.39 50.85 -19.90
N GLN A 268 3.23 50.33 -20.28
CA GLN A 268 2.07 51.18 -20.59
C GLN A 268 1.44 51.78 -19.35
N LEU A 269 1.45 51.03 -18.24
CA LEU A 269 0.93 51.52 -16.97
C LEU A 269 1.85 52.59 -16.39
N SER A 270 3.17 52.46 -16.62
CA SER A 270 4.14 53.46 -16.18
C SER A 270 3.86 54.78 -16.92
N THR A 271 3.59 54.74 -18.23
CA THR A 271 3.25 55.94 -19.01
C THR A 271 1.94 56.56 -18.51
N ILE A 272 0.89 55.72 -18.32
CA ILE A 272 -0.40 56.19 -17.81
C ILE A 272 -0.27 56.86 -16.41
N LEU A 273 0.52 56.25 -15.50
CA LEU A 273 0.79 56.79 -14.18
C LEU A 273 1.48 58.15 -14.28
N GLU A 274 2.52 58.24 -15.10
CA GLU A 274 3.26 59.48 -15.34
C GLU A 274 2.33 60.57 -15.90
N GLU A 275 1.43 60.21 -16.82
CA GLU A 275 0.49 61.17 -17.41
C GLU A 275 -0.51 61.68 -16.36
N GLU A 276 -0.88 60.84 -15.39
CA GLU A 276 -1.81 61.25 -14.35
C GLU A 276 -1.12 62.16 -13.35
N LYS A 277 0.12 61.83 -12.97
CA LYS A 277 0.90 62.67 -12.05
C LYS A 277 1.19 64.06 -12.61
N ALA A 278 1.16 64.23 -13.94
CA ALA A 278 1.32 65.51 -14.58
C ALA A 278 -0.07 66.15 -14.88
N GLN A 279 -1.17 65.65 -14.30
CA GLN A 279 -2.57 66.05 -14.41
C GLN A 279 -3.07 66.26 -15.85
N TYR B 8 29.17 -12.68 10.70
CA TYR B 8 29.29 -11.21 10.66
C TYR B 8 30.67 -10.84 11.19
N GLU B 9 31.03 -11.36 12.38
CA GLU B 9 32.32 -11.13 12.98
C GLU B 9 33.31 -12.07 12.30
N ILE B 10 34.47 -11.54 11.88
CA ILE B 10 35.51 -12.31 11.19
C ILE B 10 36.74 -12.39 12.07
N GLN B 11 37.46 -13.52 11.93
CA GLN B 11 38.72 -13.79 12.60
C GLN B 11 39.85 -13.05 11.90
N ARG B 12 40.66 -12.27 12.64
CA ARG B 12 41.77 -11.53 12.04
C ARG B 12 42.84 -12.44 11.40
N GLU B 13 43.06 -13.65 11.96
CA GLU B 13 44.01 -14.61 11.39
C GLU B 13 43.64 -15.06 9.97
N ARG B 14 42.36 -14.90 9.56
CA ARG B 14 41.88 -15.24 8.23
C ARG B 14 42.00 -14.06 7.23
N ILE B 15 42.65 -12.96 7.63
CA ILE B 15 42.83 -11.83 6.75
C ILE B 15 44.33 -11.66 6.48
N GLU B 16 44.70 -11.50 5.20
CA GLU B 16 46.06 -11.18 4.85
C GLU B 16 45.98 -9.73 4.36
N LEU B 17 46.62 -8.80 5.07
CA LEU B 17 46.55 -7.38 4.74
C LEU B 17 47.58 -7.10 3.65
N GLY B 18 47.14 -6.46 2.59
CA GLY B 18 48.00 -6.11 1.47
C GLY B 18 48.23 -4.62 1.37
N ARG B 19 48.40 -4.14 0.14
CA ARG B 19 48.71 -2.75 -0.12
C ARG B 19 47.59 -1.79 0.17
N CYS B 20 47.94 -0.56 0.52
CA CYS B 20 46.97 0.50 0.71
C CYS B 20 46.41 0.87 -0.67
N ILE B 21 45.09 0.89 -0.84
CA ILE B 21 44.47 1.27 -2.12
C ILE B 21 43.84 2.67 -2.12
N GLY B 22 43.91 3.36 -1.00
CA GLY B 22 43.32 4.68 -0.88
C GLY B 22 42.99 5.05 0.54
N GLU B 23 42.31 6.17 0.68
CA GLU B 23 41.93 6.67 1.99
C GLU B 23 40.44 6.78 2.09
N GLY B 24 39.96 6.52 3.27
CA GLY B 24 38.57 6.68 3.61
C GLY B 24 38.42 7.79 4.64
N GLN B 25 37.18 8.04 5.04
CA GLN B 25 36.86 9.06 6.02
C GLN B 25 37.47 8.73 7.38
N PHE B 26 37.46 7.45 7.75
CA PHE B 26 37.98 7.01 9.06
C PHE B 26 39.43 6.54 9.07
N GLY B 27 40.01 6.32 7.89
CA GLY B 27 41.39 5.85 7.81
C GLY B 27 41.72 5.20 6.48
N ASP B 28 42.94 4.68 6.35
CA ASP B 28 43.37 4.04 5.11
C ASP B 28 42.58 2.76 4.82
N VAL B 29 42.44 2.47 3.54
CA VAL B 29 41.77 1.27 3.05
C VAL B 29 42.83 0.44 2.35
N HIS B 30 42.88 -0.86 2.67
CA HIS B 30 43.87 -1.75 2.09
C HIS B 30 43.21 -2.84 1.27
N GLN B 31 43.91 -3.35 0.29
CA GLN B 31 43.50 -4.50 -0.45
C GLN B 31 44.00 -5.68 0.41
N GLY B 32 43.35 -6.83 0.33
CA GLY B 32 43.75 -8.01 1.06
C GLY B 32 43.07 -9.26 0.59
N ILE B 33 43.22 -10.33 1.37
CA ILE B 33 42.61 -11.61 1.07
C ILE B 33 41.92 -12.13 2.32
N TYR B 34 40.70 -12.66 2.15
CA TYR B 34 39.96 -13.28 3.22
C TYR B 34 39.99 -14.77 2.94
N MET B 35 40.63 -15.53 3.82
CA MET B 35 40.73 -16.97 3.70
C MET B 35 39.47 -17.56 4.28
N SER B 36 38.42 -17.61 3.45
CA SER B 36 37.09 -18.14 3.74
C SER B 36 37.20 -19.53 4.34
N PRO B 37 36.44 -19.82 5.41
CA PRO B 37 36.61 -21.12 6.10
C PRO B 37 36.53 -22.40 5.24
N GLU B 38 35.58 -22.51 4.30
CA GLU B 38 35.49 -23.73 3.47
C GLU B 38 35.30 -23.45 1.98
N ASN B 39 35.66 -22.24 1.54
CA ASN B 39 35.52 -21.84 0.15
C ASN B 39 36.83 -21.18 -0.36
N PRO B 40 36.95 -20.85 -1.67
CA PRO B 40 38.17 -20.20 -2.14
C PRO B 40 38.40 -18.83 -1.46
N ALA B 41 39.66 -18.42 -1.39
CA ALA B 41 40.07 -17.17 -0.81
C ALA B 41 39.47 -16.00 -1.62
N LEU B 42 38.95 -14.99 -0.93
CA LEU B 42 38.35 -13.85 -1.60
C LEU B 42 39.25 -12.63 -1.59
N ALA B 43 39.22 -11.82 -2.66
CA ALA B 43 39.94 -10.56 -2.71
C ALA B 43 39.02 -9.55 -1.99
N VAL B 44 39.57 -8.82 -1.01
CA VAL B 44 38.76 -7.91 -0.21
C VAL B 44 39.39 -6.53 -0.05
N ALA B 45 38.57 -5.54 0.32
CA ALA B 45 38.98 -4.20 0.70
C ALA B 45 38.82 -4.19 2.24
N ILE B 46 39.86 -3.77 2.95
CA ILE B 46 39.85 -3.72 4.41
C ILE B 46 39.87 -2.26 4.83
N LYS B 47 38.76 -1.78 5.35
CA LYS B 47 38.65 -0.41 5.81
C LYS B 47 39.15 -0.35 7.23
N THR B 48 40.15 0.49 7.47
CA THR B 48 40.72 0.66 8.80
C THR B 48 40.18 1.96 9.39
N CYS B 49 40.35 2.11 10.70
CA CYS B 49 39.86 3.26 11.43
C CYS B 49 40.99 3.75 12.36
N LYS B 50 41.44 5.01 12.16
CA LYS B 50 42.55 5.60 12.93
C LYS B 50 42.23 5.78 14.40
N ASN B 51 41.06 6.34 14.71
CA ASN B 51 40.70 6.63 16.10
C ASN B 51 39.56 5.78 16.61
N CYS B 52 39.48 4.50 16.17
CA CYS B 52 38.40 3.64 16.64
C CYS B 52 38.61 3.10 18.06
N THR B 53 39.73 3.44 18.72
CA THR B 53 39.91 3.11 20.13
C THR B 53 38.87 3.88 21.00
N SER B 54 38.26 4.95 20.43
CA SER B 54 37.20 5.79 20.98
C SER B 54 35.88 5.15 20.51
N ASP B 55 35.08 4.59 21.44
CA ASP B 55 33.81 3.92 21.11
C ASP B 55 32.81 4.80 20.36
N SER B 56 32.95 6.13 20.48
CA SER B 56 32.10 7.08 19.76
C SER B 56 32.45 7.04 18.26
N VAL B 57 33.76 6.99 17.93
CA VAL B 57 34.21 6.90 16.55
C VAL B 57 33.88 5.51 16.00
N ARG B 58 34.09 4.46 16.82
CA ARG B 58 33.80 3.07 16.45
C ARG B 58 32.34 2.89 16.05
N GLU B 59 31.42 3.51 16.79
CA GLU B 59 29.99 3.42 16.52
C GLU B 59 29.63 4.05 15.17
N LYS B 60 30.26 5.20 14.84
CA LYS B 60 30.00 5.87 13.57
C LYS B 60 30.61 5.06 12.41
N PHE B 61 31.80 4.49 12.62
CA PHE B 61 32.49 3.69 11.62
C PHE B 61 31.71 2.42 11.31
N LEU B 62 31.27 1.71 12.35
CA LEU B 62 30.53 0.47 12.18
C LEU B 62 29.09 0.63 11.69
N GLN B 63 28.57 1.87 11.65
CA GLN B 63 27.22 2.13 11.15
C GLN B 63 27.10 1.79 9.66
N GLU B 64 28.18 2.00 8.88
CA GLU B 64 28.16 1.64 7.46
C GLU B 64 27.99 0.13 7.31
N ALA B 65 28.68 -0.64 8.16
CA ALA B 65 28.61 -2.10 8.13
C ALA B 65 27.22 -2.61 8.54
N LEU B 66 26.58 -1.97 9.55
CA LEU B 66 25.23 -2.33 9.96
C LEU B 66 24.25 -2.09 8.83
N THR B 67 24.41 -0.97 8.11
CA THR B 67 23.55 -0.69 6.95
C THR B 67 23.75 -1.74 5.87
N MET B 68 25.02 -2.02 5.50
CA MET B 68 25.34 -2.97 4.44
C MET B 68 24.92 -4.36 4.72
N ARG B 69 24.92 -4.79 6.00
CA ARG B 69 24.56 -6.16 6.37
C ARG B 69 23.21 -6.59 5.81
N GLN B 70 22.26 -5.66 5.74
CA GLN B 70 20.91 -5.93 5.26
C GLN B 70 20.80 -6.11 3.74
N PHE B 71 21.87 -5.80 2.96
CA PHE B 71 21.79 -5.91 1.51
C PHE B 71 22.51 -7.08 0.90
N ASP B 72 21.94 -7.62 -0.14
CA ASP B 72 22.50 -8.72 -0.90
C ASP B 72 22.07 -8.56 -2.36
N HIS B 73 22.91 -7.94 -3.17
CA HIS B 73 22.60 -7.72 -4.58
C HIS B 73 23.89 -7.75 -5.40
N PRO B 74 23.84 -8.34 -6.61
CA PRO B 74 25.07 -8.40 -7.44
C PRO B 74 25.67 -7.04 -7.84
N HIS B 75 24.91 -5.92 -7.77
CA HIS B 75 25.45 -4.63 -8.15
C HIS B 75 25.56 -3.65 -6.95
N ILE B 76 25.74 -4.21 -5.77
CA ILE B 76 25.95 -3.47 -4.53
C ILE B 76 27.16 -4.13 -3.87
N VAL B 77 28.17 -3.34 -3.47
CA VAL B 77 29.38 -3.91 -2.85
C VAL B 77 29.01 -4.70 -1.58
N LYS B 78 29.43 -5.96 -1.52
CA LYS B 78 29.06 -6.86 -0.45
C LYS B 78 29.90 -6.69 0.81
N LEU B 79 29.23 -6.64 1.98
CA LEU B 79 29.93 -6.60 3.24
C LEU B 79 30.31 -8.07 3.51
N ILE B 80 31.59 -8.33 3.73
CA ILE B 80 32.04 -9.68 4.05
C ILE B 80 31.89 -9.90 5.54
N GLY B 81 32.36 -8.93 6.32
CA GLY B 81 32.26 -8.97 7.77
C GLY B 81 32.99 -7.84 8.44
N VAL B 82 33.06 -7.87 9.77
CA VAL B 82 33.74 -6.86 10.56
C VAL B 82 34.62 -7.54 11.63
N ILE B 83 35.64 -6.82 12.09
CA ILE B 83 36.47 -7.27 13.20
C ILE B 83 36.28 -6.14 14.23
N THR B 84 35.62 -6.43 15.37
CA THR B 84 35.30 -5.41 16.37
C THR B 84 36.41 -5.16 17.39
N GLU B 85 37.41 -6.03 17.45
CA GLU B 85 38.55 -5.83 18.35
C GLU B 85 39.49 -4.78 17.73
N ASN B 86 40.27 -4.07 18.58
CA ASN B 86 41.19 -3.05 18.09
C ASN B 86 42.40 -3.72 17.42
N PRO B 87 42.79 -3.30 16.19
CA PRO B 87 42.18 -2.25 15.35
C PRO B 87 40.91 -2.70 14.63
N VAL B 88 39.83 -1.92 14.74
CA VAL B 88 38.55 -2.23 14.13
C VAL B 88 38.65 -2.15 12.60
N TRP B 89 38.21 -3.21 11.91
CA TRP B 89 38.23 -3.26 10.46
C TRP B 89 36.86 -3.62 9.91
N ILE B 90 36.53 -3.10 8.73
CA ILE B 90 35.34 -3.49 7.99
C ILE B 90 35.86 -4.18 6.72
N ILE B 91 35.44 -5.41 6.49
CA ILE B 91 35.89 -6.19 5.35
C ILE B 91 34.81 -6.16 4.29
N MET B 92 35.11 -5.57 3.15
CA MET B 92 34.19 -5.48 2.03
C MET B 92 34.79 -6.27 0.87
N GLU B 93 33.95 -6.65 -0.10
CA GLU B 93 34.45 -7.30 -1.31
C GLU B 93 35.26 -6.25 -2.10
N LEU B 94 36.34 -6.67 -2.72
CA LEU B 94 37.16 -5.77 -3.52
C LEU B 94 36.53 -5.66 -4.92
N CYS B 95 36.30 -4.44 -5.42
CA CYS B 95 35.91 -4.28 -6.82
C CYS B 95 37.25 -3.99 -7.48
N THR B 96 37.83 -5.00 -8.12
CA THR B 96 39.21 -5.00 -8.62
C THR B 96 39.63 -3.80 -9.47
N LEU B 97 38.77 -3.28 -10.35
CA LEU B 97 39.15 -2.17 -11.22
C LEU B 97 39.00 -0.74 -10.61
N GLY B 98 38.61 -0.65 -9.36
CA GLY B 98 38.55 0.63 -8.66
C GLY B 98 37.37 1.56 -8.94
N GLU B 99 37.56 2.83 -8.68
CA GLU B 99 36.56 3.88 -8.82
C GLU B 99 36.05 4.09 -10.24
N LEU B 100 34.73 4.18 -10.44
CA LEU B 100 34.11 4.39 -11.75
C LEU B 100 34.59 5.65 -12.47
N ARG B 101 34.69 6.79 -11.75
CA ARG B 101 35.11 8.05 -12.38
C ARG B 101 36.52 7.96 -12.98
N SER B 102 37.47 7.38 -12.24
CA SER B 102 38.84 7.21 -12.72
C SER B 102 38.87 6.27 -13.93
N PHE B 103 38.09 5.17 -13.85
CA PHE B 103 38.00 4.17 -14.92
C PHE B 103 37.45 4.80 -16.22
N LEU B 104 36.40 5.61 -16.11
CA LEU B 104 35.81 6.26 -17.28
C LEU B 104 36.75 7.32 -17.85
N GLN B 105 37.41 8.08 -16.98
CA GLN B 105 38.32 9.13 -17.43
C GLN B 105 39.53 8.57 -18.18
N VAL B 106 40.00 7.37 -17.80
CA VAL B 106 41.07 6.70 -18.53
C VAL B 106 40.56 6.20 -19.91
N ARG B 107 39.42 5.49 -19.97
CA ARG B 107 38.95 4.94 -21.25
C ARG B 107 38.36 5.98 -22.21
N LYS B 108 37.59 6.95 -21.68
CA LYS B 108 36.98 8.04 -22.43
C LYS B 108 36.22 7.49 -23.65
N TYR B 109 36.45 8.00 -24.87
CA TYR B 109 35.76 7.56 -26.07
C TYR B 109 36.12 6.12 -26.51
N SER B 110 37.04 5.42 -25.82
CA SER B 110 37.33 4.03 -26.13
C SER B 110 36.25 3.08 -25.57
N LEU B 111 35.53 3.47 -24.49
CA LEU B 111 34.45 2.63 -23.97
C LEU B 111 33.29 2.73 -24.94
N ASP B 112 32.76 1.58 -25.41
CA ASP B 112 31.63 1.55 -26.31
C ASP B 112 30.38 2.10 -25.58
N LEU B 113 29.44 2.64 -26.33
CA LEU B 113 28.19 3.15 -25.77
C LEU B 113 27.40 2.06 -25.06
N ALA B 114 27.38 0.84 -25.62
CA ALA B 114 26.69 -0.28 -25.01
C ALA B 114 27.22 -0.57 -23.59
N SER B 115 28.51 -0.36 -23.32
CA SER B 115 29.07 -0.52 -21.97
C SER B 115 28.58 0.58 -21.03
N LEU B 116 28.51 1.84 -21.49
CA LEU B 116 28.04 2.94 -20.65
C LEU B 116 26.56 2.74 -20.27
N ILE B 117 25.74 2.29 -21.25
CA ILE B 117 24.33 2.01 -21.00
C ILE B 117 24.19 0.83 -20.05
N LEU B 118 25.03 -0.21 -20.23
CA LEU B 118 25.02 -1.36 -19.33
C LEU B 118 25.33 -0.93 -17.88
N TYR B 119 26.31 -0.02 -17.65
CA TYR B 119 26.61 0.44 -16.30
C TYR B 119 25.38 1.14 -15.69
N ALA B 120 24.68 2.00 -16.46
CA ALA B 120 23.51 2.70 -15.97
C ALA B 120 22.39 1.69 -15.67
N TYR B 121 22.23 0.64 -16.53
CA TYR B 121 21.22 -0.40 -16.33
C TYR B 121 21.55 -1.16 -15.04
N GLN B 122 22.81 -1.51 -14.82
CA GLN B 122 23.22 -2.27 -13.63
C GLN B 122 23.00 -1.48 -12.36
N LEU B 123 23.27 -0.18 -12.42
CA LEU B 123 23.00 0.68 -11.27
C LEU B 123 21.50 0.80 -11.01
N SER B 124 20.66 0.84 -12.07
CA SER B 124 19.19 0.89 -11.87
C SER B 124 18.67 -0.40 -11.22
N THR B 125 19.32 -1.55 -11.46
CA THR B 125 18.88 -2.80 -10.81
C THR B 125 19.19 -2.77 -9.32
N ALA B 126 20.33 -2.18 -8.95
CA ALA B 126 20.74 -2.02 -7.55
C ALA B 126 19.78 -1.04 -6.85
N LEU B 127 19.39 0.05 -7.56
CA LEU B 127 18.51 1.05 -6.97
C LEU B 127 17.08 0.59 -6.91
N ALA B 128 16.64 -0.27 -7.87
CA ALA B 128 15.31 -0.87 -7.79
C ALA B 128 15.31 -1.83 -6.58
N TYR B 129 16.39 -2.57 -6.34
CA TYR B 129 16.50 -3.45 -5.16
C TYR B 129 16.42 -2.61 -3.87
N LEU B 130 17.16 -1.48 -3.80
CA LEU B 130 17.10 -0.62 -2.59
C LEU B 130 15.70 -0.05 -2.38
N GLU B 131 15.03 0.35 -3.49
CA GLU B 131 13.67 0.89 -3.43
C GLU B 131 12.71 -0.18 -2.96
N SER B 132 12.90 -1.44 -3.38
CA SER B 132 12.09 -2.58 -2.93
C SER B 132 12.18 -2.81 -1.41
N LYS B 133 13.29 -2.38 -0.80
CA LYS B 133 13.46 -2.49 0.65
C LYS B 133 13.16 -1.14 1.37
N ARG B 134 12.60 -0.15 0.64
CA ARG B 134 12.25 1.17 1.16
C ARG B 134 13.47 1.87 1.75
N PHE B 135 14.62 1.72 1.08
CA PHE B 135 15.86 2.34 1.53
C PHE B 135 16.18 3.52 0.63
N VAL B 136 16.41 4.71 1.23
CA VAL B 136 16.76 5.92 0.48
C VAL B 136 18.29 6.12 0.61
N HIS B 137 19.02 6.07 -0.50
CA HIS B 137 20.50 6.19 -0.53
C HIS B 137 21.01 7.59 -0.15
N ARG B 138 20.48 8.65 -0.78
N ARG B 138 20.47 8.66 -0.77
CA ARG B 138 20.80 10.06 -0.53
CA ARG B 138 20.83 10.07 -0.51
C ARG B 138 22.11 10.55 -1.15
C ARG B 138 22.09 10.55 -1.20
N ASP B 139 22.90 9.66 -1.76
CA ASP B 139 24.19 10.07 -2.35
C ASP B 139 24.53 9.31 -3.62
N ILE B 140 23.59 9.26 -4.58
N ILE B 140 23.58 9.27 -4.58
CA ILE B 140 23.82 8.56 -5.84
CA ILE B 140 23.82 8.59 -5.83
C ILE B 140 24.63 9.45 -6.79
C ILE B 140 24.66 9.52 -6.69
N ALA B 141 25.90 9.09 -7.01
CA ALA B 141 26.86 9.83 -7.81
C ALA B 141 27.91 8.84 -8.33
N ALA B 142 28.56 9.15 -9.46
CA ALA B 142 29.59 8.25 -10.04
C ALA B 142 30.75 8.01 -9.10
N ARG B 143 31.04 8.99 -8.18
CA ARG B 143 32.10 8.79 -7.19
C ARG B 143 31.82 7.64 -6.22
N ASN B 144 30.52 7.28 -6.04
CA ASN B 144 30.13 6.20 -5.15
C ASN B 144 29.90 4.88 -5.89
N VAL B 145 30.42 4.75 -7.11
CA VAL B 145 30.31 3.53 -7.90
C VAL B 145 31.71 2.96 -8.11
N LEU B 146 31.82 1.64 -8.03
CA LEU B 146 33.06 0.89 -8.18
C LEU B 146 32.95 -0.05 -9.36
N VAL B 147 34.10 -0.41 -9.94
CA VAL B 147 34.19 -1.28 -11.11
C VAL B 147 34.73 -2.65 -10.72
N SER B 148 33.89 -3.70 -10.83
CA SER B 148 34.26 -5.09 -10.53
C SER B 148 34.97 -5.76 -11.69
N SER B 149 34.58 -5.42 -12.90
CA SER B 149 35.13 -5.94 -14.14
C SER B 149 34.69 -4.96 -15.26
N ASN B 150 35.18 -5.16 -16.49
CA ASN B 150 34.81 -4.32 -17.63
C ASN B 150 33.30 -4.29 -17.88
N ASP B 151 32.57 -5.32 -17.46
CA ASP B 151 31.13 -5.35 -17.68
C ASP B 151 30.34 -5.48 -16.37
N CYS B 152 30.87 -4.92 -15.29
CA CYS B 152 30.18 -4.95 -14.01
C CYS B 152 30.57 -3.78 -13.10
N VAL B 153 29.59 -2.94 -12.75
CA VAL B 153 29.77 -1.85 -11.79
C VAL B 153 28.93 -2.19 -10.53
N LYS B 154 29.32 -1.64 -9.39
CA LYS B 154 28.61 -1.87 -8.12
C LYS B 154 28.48 -0.54 -7.39
N LEU B 155 27.35 -0.37 -6.74
CA LEU B 155 27.07 0.79 -5.93
C LEU B 155 27.74 0.56 -4.58
N GLY B 156 28.50 1.56 -4.14
CA GLY B 156 29.15 1.53 -2.83
C GLY B 156 28.78 2.75 -2.00
N ASP B 157 29.64 3.02 -1.00
CA ASP B 157 29.58 4.14 -0.08
C ASP B 157 28.21 4.41 0.50
N PHE B 158 27.80 3.57 1.44
CA PHE B 158 26.53 3.79 2.12
C PHE B 158 26.72 4.48 3.49
N GLY B 159 27.85 5.19 3.66
CA GLY B 159 28.17 5.93 4.88
C GLY B 159 27.97 7.43 4.74
N LEU B 160 27.57 7.90 3.54
CA LEU B 160 27.33 9.31 3.19
C LEU B 160 28.50 10.21 3.56
N SER B 161 29.69 9.89 3.03
CA SER B 161 30.94 10.62 3.25
C SER B 161 30.83 12.09 2.80
N LEU B 177 27.84 19.25 1.17
CA LEU B 177 26.67 18.65 0.56
C LEU B 177 26.86 18.48 -0.95
N PRO B 178 26.38 17.37 -1.54
CA PRO B 178 26.52 17.21 -3.00
C PRO B 178 25.43 17.95 -3.77
N ILE B 179 25.38 19.28 -3.65
CA ILE B 179 24.37 20.17 -4.24
C ILE B 179 24.12 19.90 -5.72
N LYS B 180 25.17 19.75 -6.51
CA LYS B 180 25.06 19.57 -7.94
C LYS B 180 24.38 18.24 -8.36
N TRP B 181 24.22 17.29 -7.42
CA TRP B 181 23.56 16.01 -7.67
C TRP B 181 22.17 15.95 -7.04
N MET B 182 21.86 16.85 -6.11
CA MET B 182 20.62 16.83 -5.33
C MET B 182 19.38 17.35 -6.01
N ALA B 183 18.23 16.69 -5.71
CA ALA B 183 16.93 17.10 -6.17
C ALA B 183 16.59 18.44 -5.50
N PRO B 184 15.85 19.32 -6.19
CA PRO B 184 15.53 20.63 -5.59
C PRO B 184 14.89 20.57 -4.20
N GLU B 185 14.00 19.60 -3.93
CA GLU B 185 13.40 19.46 -2.60
C GLU B 185 14.41 19.06 -1.52
N SER B 186 15.52 18.44 -1.91
CA SER B 186 16.57 18.07 -0.96
C SER B 186 17.41 19.32 -0.60
N ILE B 187 17.66 20.20 -1.58
CA ILE B 187 18.41 21.43 -1.39
C ILE B 187 17.55 22.42 -0.58
N ASN B 188 16.31 22.61 -0.99
CA ASN B 188 15.42 23.57 -0.37
C ASN B 188 14.84 23.13 0.96
N PHE B 189 14.48 21.85 1.12
CA PHE B 189 13.80 21.42 2.35
C PHE B 189 14.42 20.26 3.10
N ARG B 190 15.60 19.80 2.69
CA ARG B 190 16.26 18.65 3.31
C ARG B 190 15.41 17.36 3.20
N ARG B 191 14.58 17.28 2.16
CA ARG B 191 13.71 16.09 1.98
C ARG B 191 14.43 15.06 1.10
N PHE B 192 14.59 13.85 1.63
CA PHE B 192 15.23 12.74 0.92
C PHE B 192 14.26 11.57 0.86
N THR B 193 13.77 11.29 -0.35
CA THR B 193 12.79 10.25 -0.61
C THR B 193 13.29 9.33 -1.77
N SER B 194 12.51 8.32 -2.15
CA SER B 194 12.81 7.47 -3.30
C SER B 194 12.84 8.35 -4.59
N ALA B 195 11.99 9.38 -4.65
CA ALA B 195 11.93 10.28 -5.80
C ALA B 195 13.17 11.16 -5.89
N SER B 196 13.74 11.59 -4.74
CA SER B 196 14.97 12.39 -4.78
C SER B 196 16.16 11.52 -5.21
N ASP B 197 16.16 10.20 -4.86
CA ASP B 197 17.17 9.27 -5.35
C ASP B 197 17.10 9.16 -6.89
N VAL B 198 15.91 9.22 -7.45
CA VAL B 198 15.70 9.14 -8.90
C VAL B 198 16.35 10.34 -9.59
N TRP B 199 16.20 11.53 -8.99
CA TRP B 199 16.86 12.73 -9.53
C TRP B 199 18.40 12.54 -9.59
N MET B 200 19.01 12.09 -8.47
CA MET B 200 20.43 11.85 -8.34
C MET B 200 20.88 10.79 -9.34
N PHE B 201 20.09 9.73 -9.53
CA PHE B 201 20.41 8.66 -10.49
C PHE B 201 20.47 9.24 -11.91
N GLY B 202 19.59 10.20 -12.22
CA GLY B 202 19.64 10.88 -13.52
C GLY B 202 20.97 11.59 -13.71
N VAL B 203 21.48 12.26 -12.64
CA VAL B 203 22.78 12.95 -12.69
C VAL B 203 23.91 11.93 -12.85
N CYS B 204 23.85 10.83 -12.10
CA CYS B 204 24.83 9.77 -12.19
C CYS B 204 24.87 9.15 -13.61
N MET B 205 23.71 8.97 -14.28
CA MET B 205 23.67 8.50 -15.67
C MET B 205 24.35 9.51 -16.58
N TRP B 206 24.12 10.81 -16.34
CA TRP B 206 24.76 11.87 -17.11
C TRP B 206 26.29 11.79 -16.93
N GLU B 207 26.77 11.61 -15.71
CA GLU B 207 28.21 11.44 -15.42
C GLU B 207 28.82 10.27 -16.18
N ILE B 208 28.10 9.15 -16.24
CA ILE B 208 28.59 7.95 -16.94
C ILE B 208 28.72 8.25 -18.43
N LEU B 209 27.64 8.80 -19.01
CA LEU B 209 27.63 9.13 -20.44
C LEU B 209 28.67 10.23 -20.77
N MET B 210 29.07 11.06 -19.79
CA MET B 210 30.10 12.10 -19.94
C MET B 210 31.52 11.58 -19.61
N HIS B 211 31.70 10.26 -19.44
CA HIS B 211 32.97 9.61 -19.10
C HIS B 211 33.61 10.16 -17.81
N GLY B 212 32.79 10.34 -16.78
CA GLY B 212 33.28 10.75 -15.48
C GLY B 212 33.52 12.23 -15.27
N VAL B 213 32.97 13.08 -16.13
CA VAL B 213 33.03 14.53 -15.96
C VAL B 213 31.99 14.91 -14.86
N LYS B 214 32.33 15.86 -13.98
CA LYS B 214 31.39 16.28 -12.93
C LYS B 214 30.33 17.22 -13.50
N PRO B 215 29.08 17.14 -12.98
CA PRO B 215 28.02 18.06 -13.43
C PRO B 215 28.25 19.49 -12.95
N PHE B 216 27.81 20.47 -13.75
CA PHE B 216 27.89 21.89 -13.45
C PHE B 216 29.30 22.37 -13.06
N GLN B 217 30.34 21.94 -13.80
CA GLN B 217 31.71 22.39 -13.53
C GLN B 217 31.80 23.89 -13.74
N GLY B 218 32.50 24.59 -12.84
CA GLY B 218 32.64 26.03 -12.94
C GLY B 218 31.43 26.83 -12.50
N VAL B 219 30.40 26.16 -11.93
CA VAL B 219 29.20 26.84 -11.44
C VAL B 219 29.21 26.77 -9.91
N LYS B 220 28.92 27.89 -9.24
CA LYS B 220 28.89 27.89 -7.77
C LYS B 220 27.68 27.12 -7.26
N ASN B 221 27.84 26.41 -6.13
CA ASN B 221 26.80 25.61 -5.50
C ASN B 221 25.51 26.41 -5.28
N ASN B 222 25.62 27.63 -4.75
CA ASN B 222 24.49 28.51 -4.48
C ASN B 222 23.74 28.94 -5.76
N ASP B 223 24.40 28.89 -6.92
CA ASP B 223 23.75 29.24 -8.19
C ASP B 223 23.07 28.04 -8.88
N VAL B 224 23.26 26.81 -8.37
CA VAL B 224 22.67 25.62 -8.97
C VAL B 224 21.13 25.64 -8.89
N ILE B 225 20.55 25.88 -7.69
CA ILE B 225 19.10 25.89 -7.50
C ILE B 225 18.39 26.91 -8.41
N GLY B 226 19.00 28.07 -8.65
CA GLY B 226 18.40 29.08 -9.52
C GLY B 226 18.28 28.59 -10.95
N ARG B 227 19.36 27.92 -11.46
CA ARG B 227 19.33 27.38 -12.81
C ARG B 227 18.26 26.28 -12.93
N ILE B 228 18.20 25.37 -11.95
CA ILE B 228 17.20 24.31 -11.92
C ILE B 228 15.77 24.88 -11.90
N GLU B 229 15.52 25.85 -11.01
CA GLU B 229 14.21 26.50 -10.91
C GLU B 229 13.84 27.28 -12.19
N ASN B 230 14.83 27.71 -12.98
CA ASN B 230 14.59 28.34 -14.27
C ASN B 230 14.34 27.30 -15.41
N GLY B 231 14.30 26.01 -15.08
CA GLY B 231 14.05 24.94 -16.03
C GLY B 231 15.28 24.39 -16.72
N GLU B 232 16.48 24.95 -16.40
CA GLU B 232 17.73 24.53 -16.99
C GLU B 232 18.13 23.16 -16.47
N ARG B 233 18.63 22.32 -17.37
CA ARG B 233 19.08 21.00 -17.01
C ARG B 233 20.46 20.72 -17.63
N LEU B 234 21.16 19.65 -17.15
CA LEU B 234 22.43 19.20 -17.70
C LEU B 234 22.24 18.89 -19.18
N PRO B 235 23.15 19.30 -20.06
CA PRO B 235 22.93 19.09 -21.50
C PRO B 235 23.08 17.64 -21.94
N MET B 236 22.64 17.34 -23.16
CA MET B 236 22.77 15.99 -23.70
C MET B 236 24.25 15.66 -23.93
N PRO B 237 24.74 14.60 -23.25
CA PRO B 237 26.13 14.20 -23.47
C PRO B 237 26.37 13.78 -24.92
N PRO B 238 27.57 14.09 -25.47
CA PRO B 238 27.91 13.64 -26.83
C PRO B 238 27.75 12.12 -26.98
N ASN B 239 27.10 11.69 -28.07
CA ASN B 239 26.81 10.28 -28.36
C ASN B 239 25.69 9.66 -27.52
N CYS B 240 25.08 10.40 -26.61
CA CYS B 240 23.99 9.83 -25.78
C CYS B 240 22.74 9.67 -26.67
N PRO B 241 22.16 8.47 -26.73
CA PRO B 241 20.95 8.29 -27.55
C PRO B 241 19.83 9.19 -27.06
N PRO B 242 19.09 9.88 -27.94
CA PRO B 242 17.99 10.75 -27.47
C PRO B 242 16.99 10.06 -26.54
N THR B 243 16.71 8.78 -26.73
CA THR B 243 15.77 8.06 -25.83
C THR B 243 16.34 8.01 -24.38
N LEU B 244 17.66 7.92 -24.24
CA LEU B 244 18.34 7.89 -22.94
C LEU B 244 18.36 9.30 -22.33
N TYR B 245 18.61 10.33 -23.15
CA TYR B 245 18.58 11.69 -22.63
C TYR B 245 17.15 12.08 -22.20
N SER B 246 16.13 11.62 -22.93
CA SER B 246 14.73 11.85 -22.55
C SER B 246 14.45 11.21 -21.19
N LEU B 247 14.97 9.99 -20.97
CA LEU B 247 14.83 9.29 -19.70
C LEU B 247 15.49 10.09 -18.56
N MET B 248 16.69 10.67 -18.84
CA MET B 248 17.34 11.52 -17.85
C MET B 248 16.48 12.71 -17.48
N THR B 249 15.91 13.40 -18.48
CA THR B 249 15.07 14.55 -18.24
C THR B 249 13.81 14.20 -17.40
N LYS B 250 13.25 12.98 -17.54
CA LYS B 250 12.12 12.55 -16.70
C LYS B 250 12.55 12.36 -15.21
N CYS B 251 13.83 11.96 -15.00
CA CYS B 251 14.38 11.87 -13.63
C CYS B 251 14.51 13.27 -13.02
N TRP B 252 14.61 14.31 -13.88
CA TRP B 252 14.76 15.66 -13.44
C TRP B 252 13.48 16.45 -13.49
N ALA B 253 12.31 15.81 -13.36
CA ALA B 253 11.03 16.53 -13.26
C ALA B 253 11.10 17.31 -11.92
N TYR B 254 10.78 18.60 -11.94
CA TYR B 254 10.83 19.40 -10.70
C TYR B 254 9.94 18.82 -9.60
N ASP B 255 8.72 18.42 -9.97
CA ASP B 255 7.76 17.82 -9.05
C ASP B 255 8.17 16.38 -8.88
N PRO B 256 8.53 15.97 -7.66
CA PRO B 256 8.94 14.58 -7.45
C PRO B 256 7.91 13.54 -7.82
N SER B 257 6.60 13.88 -7.73
CA SER B 257 5.53 12.95 -8.07
C SER B 257 5.49 12.61 -9.57
N ARG B 258 6.12 13.42 -10.43
CA ARG B 258 6.18 13.13 -11.86
C ARG B 258 7.43 12.33 -12.29
N ARG B 259 8.33 12.04 -11.35
CA ARG B 259 9.54 11.28 -11.68
C ARG B 259 9.19 9.80 -11.74
N PRO B 260 9.85 9.03 -12.62
CA PRO B 260 9.55 7.58 -12.64
C PRO B 260 10.12 6.90 -11.38
N ARG B 261 9.79 5.65 -11.17
CA ARG B 261 10.36 4.83 -10.11
C ARG B 261 11.41 3.92 -10.80
N PHE B 262 12.17 3.16 -10.01
CA PHE B 262 13.26 2.36 -10.52
C PHE B 262 12.86 1.14 -11.31
N THR B 263 11.66 0.58 -11.09
CA THR B 263 11.21 -0.57 -11.90
C THR B 263 11.03 -0.12 -13.35
N GLU B 264 10.47 1.09 -13.58
CA GLU B 264 10.31 1.64 -14.92
C GLU B 264 11.67 2.02 -15.51
N LEU B 265 12.57 2.64 -14.71
CA LEU B 265 13.90 3.03 -15.21
C LEU B 265 14.68 1.82 -15.68
N LYS B 266 14.64 0.73 -14.90
CA LYS B 266 15.29 -0.53 -15.24
C LYS B 266 14.75 -1.13 -16.56
N ALA B 267 13.43 -1.20 -16.72
CA ALA B 267 12.83 -1.74 -17.95
C ALA B 267 13.15 -0.84 -19.17
N GLN B 268 13.13 0.48 -19.00
CA GLN B 268 13.43 1.38 -20.12
C GLN B 268 14.92 1.38 -20.48
N LEU B 269 15.78 1.22 -19.50
CA LEU B 269 17.24 1.12 -19.75
C LEU B 269 17.56 -0.21 -20.45
N SER B 270 16.83 -1.28 -20.12
CA SER B 270 17.00 -2.57 -20.79
C SER B 270 16.64 -2.43 -22.29
N THR B 271 15.56 -1.72 -22.62
CA THR B 271 15.15 -1.47 -24.00
C THR B 271 16.21 -0.64 -24.72
N ILE B 272 16.68 0.46 -24.09
CA ILE B 272 17.71 1.32 -24.66
C ILE B 272 19.03 0.54 -24.93
N LEU B 273 19.44 -0.34 -24.01
CA LEU B 273 20.62 -1.18 -24.14
C LEU B 273 20.48 -2.12 -25.33
N GLU B 274 19.32 -2.80 -25.41
CA GLU B 274 18.98 -3.71 -26.50
C GLU B 274 18.98 -2.96 -27.84
N GLU B 275 18.45 -1.74 -27.88
CA GLU B 275 18.41 -0.95 -29.11
C GLU B 275 19.82 -0.54 -29.56
N GLU B 276 20.73 -0.31 -28.62
CA GLU B 276 22.11 0.04 -28.96
C GLU B 276 22.87 -1.19 -29.45
N LYS B 277 22.67 -2.35 -28.81
CA LYS B 277 23.31 -3.59 -29.25
C LYS B 277 22.85 -4.06 -30.65
N ALA B 278 21.70 -3.56 -31.12
CA ALA B 278 21.20 -3.86 -32.47
C ALA B 278 21.61 -2.69 -33.37
N GLN B 279 22.91 -2.60 -33.63
CA GLN B 279 23.61 -1.56 -34.38
C GLN B 279 23.06 -1.29 -35.78
N SER C 4 -10.49 20.28 -22.37
CA SER C 4 -10.20 19.05 -21.64
C SER C 4 -11.16 17.92 -22.04
N THR C 5 -12.42 18.25 -22.31
CA THR C 5 -13.46 17.29 -22.68
C THR C 5 -14.02 17.64 -24.07
N ARG C 6 -13.51 16.98 -25.12
CA ARG C 6 -13.94 17.13 -26.52
C ARG C 6 -13.71 15.80 -27.25
N ASP C 7 -12.53 15.17 -27.02
CA ASP C 7 -12.13 13.90 -27.60
C ASP C 7 -13.01 12.72 -27.17
N TYR C 8 -13.74 12.85 -26.06
CA TYR C 8 -14.58 11.75 -25.57
C TYR C 8 -16.01 12.16 -25.27
N GLU C 9 -16.50 13.20 -25.96
CA GLU C 9 -17.88 13.60 -25.83
C GLU C 9 -18.70 12.54 -26.59
N ILE C 10 -19.76 12.02 -25.97
CA ILE C 10 -20.64 11.00 -26.56
C ILE C 10 -22.05 11.61 -26.76
N GLN C 11 -22.78 11.33 -27.88
CA GLN C 11 -24.13 11.87 -28.05
C GLN C 11 -25.12 10.99 -27.30
N ARG C 12 -26.05 11.60 -26.59
CA ARG C 12 -26.97 10.86 -25.72
C ARG C 12 -27.83 9.83 -26.42
N GLU C 13 -28.26 10.09 -27.67
CA GLU C 13 -29.05 9.10 -28.42
C GLU C 13 -28.33 7.77 -28.62
N ARG C 14 -27.02 7.73 -28.43
CA ARG C 14 -26.19 6.53 -28.51
C ARG C 14 -26.18 5.70 -27.22
N ILE C 15 -26.80 6.19 -26.16
CA ILE C 15 -26.83 5.51 -24.85
C ILE C 15 -28.26 5.12 -24.50
N GLU C 16 -28.45 3.92 -24.05
CA GLU C 16 -29.76 3.48 -23.60
C GLU C 16 -29.58 3.27 -22.09
N LEU C 17 -30.30 4.02 -21.27
CA LEU C 17 -30.22 3.90 -19.83
C LEU C 17 -31.02 2.70 -19.35
N GLY C 18 -30.39 1.86 -18.54
CA GLY C 18 -31.01 0.68 -17.96
C GLY C 18 -31.22 0.82 -16.47
N ARG C 19 -31.15 -0.29 -15.74
CA ARG C 19 -31.42 -0.30 -14.30
C ARG C 19 -30.36 0.39 -13.45
N CYS C 20 -30.78 0.90 -12.31
CA CYS C 20 -29.90 1.51 -11.33
C CYS C 20 -29.07 0.40 -10.70
N ILE C 21 -27.75 0.60 -10.64
CA ILE C 21 -26.84 -0.36 -10.04
C ILE C 21 -26.14 0.17 -8.76
N GLY C 22 -26.57 1.33 -8.26
CA GLY C 22 -26.01 1.88 -7.04
C GLY C 22 -25.97 3.39 -7.00
N GLU C 23 -25.32 3.94 -5.99
CA GLU C 23 -25.25 5.37 -5.83
C GLU C 23 -23.81 5.86 -5.83
N GLY C 24 -23.65 7.05 -6.35
CA GLY C 24 -22.43 7.82 -6.28
C GLY C 24 -22.65 9.09 -5.45
N GLN C 25 -21.61 9.88 -5.23
CA GLN C 25 -21.74 11.14 -4.48
C GLN C 25 -22.66 12.12 -5.19
N PHE C 26 -22.60 12.17 -6.53
CA PHE C 26 -23.39 13.12 -7.31
C PHE C 26 -24.74 12.63 -7.80
N GLY C 27 -24.98 11.33 -7.69
CA GLY C 27 -26.24 10.76 -8.13
C GLY C 27 -26.17 9.28 -8.37
N ASP C 28 -27.30 8.72 -8.81
CA ASP C 28 -27.39 7.31 -9.07
C ASP C 28 -26.52 6.89 -10.26
N VAL C 29 -26.08 5.65 -10.24
CA VAL C 29 -25.29 5.04 -11.31
C VAL C 29 -26.17 3.94 -11.92
N HIS C 30 -26.25 3.90 -13.24
CA HIS C 30 -27.08 2.93 -13.94
C HIS C 30 -26.26 2.05 -14.84
N GLN C 31 -26.79 0.88 -15.12
CA GLN C 31 -26.24 0.00 -16.13
C GLN C 31 -26.89 0.53 -17.45
N GLY C 32 -26.27 0.31 -18.58
CA GLY C 32 -26.81 0.76 -19.86
C GLY C 32 -26.11 0.16 -21.04
N ILE C 33 -26.43 0.66 -22.23
CA ILE C 33 -25.85 0.17 -23.46
C ILE C 33 -25.34 1.34 -24.28
N TYR C 34 -24.17 1.19 -24.87
CA TYR C 34 -23.61 2.20 -25.72
C TYR C 34 -23.58 1.62 -27.13
N MET C 35 -24.38 2.21 -28.02
CA MET C 35 -24.42 1.81 -29.40
C MET C 35 -23.36 2.65 -30.09
N SER C 36 -22.09 2.25 -29.99
N SER C 36 -22.10 2.25 -29.98
CA SER C 36 -21.00 2.97 -30.63
CA SER C 36 -21.00 2.96 -30.63
C SER C 36 -21.11 2.74 -32.14
C SER C 36 -21.11 2.74 -32.14
N PRO C 37 -21.06 3.81 -32.94
CA PRO C 37 -21.25 3.64 -34.40
C PRO C 37 -20.32 2.61 -35.05
N GLU C 38 -20.93 1.68 -35.82
CA GLU C 38 -20.25 0.63 -36.56
C GLU C 38 -19.44 -0.32 -35.70
N ASN C 39 -19.84 -0.47 -34.44
CA ASN C 39 -19.14 -1.37 -33.50
C ASN C 39 -20.17 -2.19 -32.69
N PRO C 40 -19.75 -3.27 -31.99
CA PRO C 40 -20.74 -4.03 -31.19
C PRO C 40 -21.37 -3.17 -30.09
N ALA C 41 -22.65 -3.38 -29.72
CA ALA C 41 -23.25 -2.61 -28.62
C ALA C 41 -22.58 -3.02 -27.32
N LEU C 42 -22.10 -2.05 -26.53
CA LEU C 42 -21.38 -2.37 -25.30
C LEU C 42 -22.23 -2.17 -24.10
N ALA C 43 -22.03 -3.00 -23.08
CA ALA C 43 -22.63 -2.87 -21.77
C ALA C 43 -21.79 -1.80 -21.05
N VAL C 44 -22.42 -0.77 -20.48
CA VAL C 44 -21.69 0.33 -19.84
C VAL C 44 -22.28 0.70 -18.48
N ALA C 45 -21.50 1.46 -17.67
CA ALA C 45 -21.99 2.00 -16.41
C ALA C 45 -22.15 3.52 -16.66
N ILE C 46 -23.28 4.10 -16.27
CA ILE C 46 -23.57 5.52 -16.51
C ILE C 46 -23.72 6.25 -15.19
N LYS C 47 -22.78 7.14 -14.87
CA LYS C 47 -22.83 7.92 -13.65
C LYS C 47 -23.64 9.15 -13.93
N THR C 48 -24.73 9.34 -13.17
CA THR C 48 -25.59 10.51 -13.35
C THR C 48 -25.27 11.55 -12.27
N CYS C 49 -25.76 12.78 -12.50
CA CYS C 49 -25.56 13.88 -11.58
C CYS C 49 -26.91 14.58 -11.36
N LYS C 50 -27.41 14.53 -10.13
CA LYS C 50 -28.71 15.13 -9.80
C LYS C 50 -28.73 16.68 -9.90
N ASN C 51 -27.66 17.36 -9.43
CA ASN C 51 -27.60 18.83 -9.41
C ASN C 51 -26.56 19.41 -10.36
N CYS C 52 -26.30 18.76 -11.51
CA CYS C 52 -25.31 19.27 -12.43
C CYS C 52 -25.80 20.47 -13.29
N THR C 53 -27.02 20.98 -13.03
CA THR C 53 -27.46 22.21 -13.67
C THR C 53 -26.64 23.43 -13.12
N SER C 54 -25.94 23.26 -11.99
CA SER C 54 -25.07 24.25 -11.38
C SER C 54 -23.68 23.94 -11.93
N ASP C 55 -23.08 24.85 -12.73
CA ASP C 55 -21.76 24.61 -13.32
C ASP C 55 -20.67 24.32 -12.28
N SER C 56 -20.88 24.73 -11.02
CA SER C 56 -19.97 24.46 -9.92
C SER C 56 -20.01 22.95 -9.58
N VAL C 57 -21.21 22.36 -9.57
CA VAL C 57 -21.38 20.93 -9.31
C VAL C 57 -20.86 20.15 -10.53
N ARG C 58 -21.18 20.61 -11.75
CA ARG C 58 -20.74 19.99 -12.98
C ARG C 58 -19.22 19.87 -13.07
N GLU C 59 -18.51 20.94 -12.66
CA GLU C 59 -17.05 20.97 -12.69
C GLU C 59 -16.47 19.93 -11.74
N LYS C 60 -17.04 19.81 -10.54
CA LYS C 60 -16.55 18.84 -9.57
C LYS C 60 -16.84 17.41 -10.04
N PHE C 61 -18.02 17.19 -10.68
CA PHE C 61 -18.43 15.88 -11.19
C PHE C 61 -17.54 15.45 -12.34
N LEU C 62 -17.31 16.34 -13.32
CA LEU C 62 -16.46 16.02 -14.47
C LEU C 62 -14.98 15.88 -14.17
N GLN C 63 -14.53 16.35 -13.01
CA GLN C 63 -13.16 16.14 -12.53
C GLN C 63 -12.92 14.64 -12.21
N GLU C 64 -13.98 13.88 -11.92
CA GLU C 64 -13.86 12.44 -11.67
C GLU C 64 -13.52 11.70 -12.97
N ALA C 65 -14.03 12.19 -14.11
CA ALA C 65 -13.77 11.69 -15.46
C ALA C 65 -12.34 12.06 -15.82
N LEU C 66 -11.91 13.30 -15.53
CA LEU C 66 -10.53 13.76 -15.81
C LEU C 66 -9.55 12.92 -14.99
N THR C 67 -9.88 12.60 -13.74
CA THR C 67 -9.03 11.76 -12.89
C THR C 67 -8.89 10.38 -13.49
N MET C 68 -10.01 9.71 -13.86
CA MET C 68 -9.95 8.38 -14.43
C MET C 68 -9.25 8.30 -15.77
N ARG C 69 -9.34 9.39 -16.56
CA ARG C 69 -8.75 9.53 -17.88
C ARG C 69 -7.20 9.42 -17.82
N GLN C 70 -6.59 9.76 -16.66
CA GLN C 70 -5.14 9.71 -16.40
C GLN C 70 -4.60 8.26 -16.38
N PHE C 71 -5.46 7.28 -16.10
CA PHE C 71 -5.02 5.90 -15.96
C PHE C 71 -5.44 5.03 -17.11
N ASP C 72 -4.60 4.07 -17.47
CA ASP C 72 -4.85 3.10 -18.54
C ASP C 72 -4.21 1.78 -18.10
N HIS C 73 -4.99 0.89 -17.53
CA HIS C 73 -4.51 -0.40 -17.07
C HIS C 73 -5.63 -1.44 -17.19
N PRO C 74 -5.32 -2.68 -17.62
CA PRO C 74 -6.37 -3.69 -17.78
C PRO C 74 -7.15 -4.02 -16.51
N HIS C 75 -6.60 -3.66 -15.33
CA HIS C 75 -7.25 -3.99 -14.07
C HIS C 75 -7.71 -2.75 -13.30
N ILE C 76 -8.03 -1.68 -14.02
CA ILE C 76 -8.57 -0.46 -13.48
C ILE C 76 -9.69 -0.05 -14.45
N VAL C 77 -10.91 0.19 -13.95
CA VAL C 77 -12.02 0.58 -14.79
C VAL C 77 -11.74 1.83 -15.63
N LYS C 78 -12.10 1.74 -16.90
CA LYS C 78 -11.87 2.81 -17.84
C LYS C 78 -13.02 3.76 -18.04
N LEU C 79 -12.67 4.98 -18.37
CA LEU C 79 -13.63 5.98 -18.80
C LEU C 79 -13.92 5.75 -20.29
N ILE C 80 -15.18 5.67 -20.70
CA ILE C 80 -15.54 5.55 -22.11
C ILE C 80 -15.71 6.95 -22.70
N GLY C 81 -16.43 7.80 -21.99
CA GLY C 81 -16.68 9.16 -22.45
C GLY C 81 -17.64 9.90 -21.54
N VAL C 82 -18.02 11.14 -21.93
CA VAL C 82 -18.91 11.97 -21.12
C VAL C 82 -19.96 12.64 -22.00
N ILE C 83 -21.08 13.04 -21.40
CA ILE C 83 -22.12 13.81 -22.07
C ILE C 83 -22.21 15.10 -21.26
N THR C 84 -21.81 16.24 -21.85
CA THR C 84 -21.73 17.52 -21.13
C THR C 84 -23.04 18.29 -21.11
N GLU C 85 -24.02 17.91 -21.94
CA GLU C 85 -25.32 18.58 -21.92
C GLU C 85 -26.13 18.06 -20.71
N ASN C 86 -27.07 18.87 -20.21
CA ASN C 86 -27.92 18.48 -19.08
C ASN C 86 -28.92 17.40 -19.50
N PRO C 87 -29.05 16.28 -18.75
CA PRO C 87 -28.27 15.89 -17.56
C PRO C 87 -26.89 15.32 -17.90
N VAL C 88 -25.87 15.85 -17.21
CA VAL C 88 -24.50 15.44 -17.43
C VAL C 88 -24.28 13.98 -16.98
N TRP C 89 -23.66 13.16 -17.83
CA TRP C 89 -23.38 11.77 -17.52
C TRP C 89 -21.91 11.46 -17.77
N ILE C 90 -21.37 10.51 -17.01
CA ILE C 90 -20.04 9.99 -17.22
C ILE C 90 -20.25 8.52 -17.59
N ILE C 91 -19.77 8.09 -18.76
CA ILE C 91 -19.91 6.72 -19.26
C ILE C 91 -18.65 5.95 -18.93
N MET C 92 -18.77 4.92 -18.10
CA MET C 92 -17.65 4.10 -17.66
C MET C 92 -17.78 2.70 -18.20
N GLU C 93 -16.67 1.97 -18.23
CA GLU C 93 -16.66 0.56 -18.55
C GLU C 93 -17.50 -0.18 -17.47
N LEU C 94 -18.35 -1.12 -17.90
CA LEU C 94 -19.13 -1.88 -16.94
C LEU C 94 -18.34 -3.11 -16.49
N CYS C 95 -18.39 -3.40 -15.19
CA CYS C 95 -17.84 -4.61 -14.62
C CYS C 95 -19.12 -5.35 -14.24
N THR C 96 -19.61 -6.21 -15.16
CA THR C 96 -20.92 -6.87 -15.11
C THR C 96 -21.27 -7.50 -13.78
N LEU C 97 -20.33 -8.21 -13.14
CA LEU C 97 -20.66 -8.92 -11.89
C LEU C 97 -20.59 -8.07 -10.60
N GLY C 98 -20.40 -6.78 -10.70
CA GLY C 98 -20.49 -5.86 -9.54
C GLY C 98 -19.36 -5.81 -8.52
N GLU C 99 -19.67 -5.32 -7.32
CA GLU C 99 -18.72 -5.17 -6.21
C GLU C 99 -18.12 -6.55 -5.77
N LEU C 100 -16.81 -6.60 -5.63
CA LEU C 100 -16.12 -7.84 -5.25
C LEU C 100 -16.53 -8.36 -3.86
N ARG C 101 -16.68 -7.47 -2.87
CA ARG C 101 -17.07 -7.90 -1.52
C ARG C 101 -18.39 -8.68 -1.55
N SER C 102 -19.42 -8.13 -2.21
N SER C 102 -19.42 -8.13 -2.21
CA SER C 102 -20.73 -8.78 -2.31
CA SER C 102 -20.72 -8.77 -2.31
C SER C 102 -20.68 -10.04 -3.18
C SER C 102 -20.67 -10.04 -3.17
N PHE C 103 -19.89 -10.04 -4.27
CA PHE C 103 -19.74 -11.20 -5.15
C PHE C 103 -19.14 -12.37 -4.35
N LEU C 104 -18.12 -12.10 -3.53
CA LEU C 104 -17.49 -13.13 -2.67
C LEU C 104 -18.49 -13.69 -1.65
N GLN C 105 -19.34 -12.86 -1.04
CA GLN C 105 -20.32 -13.34 -0.05
C GLN C 105 -21.41 -14.20 -0.69
N VAL C 106 -21.88 -13.80 -1.88
CA VAL C 106 -22.91 -14.57 -2.60
C VAL C 106 -22.34 -15.88 -3.16
N ARG C 107 -21.21 -15.81 -3.91
CA ARG C 107 -20.61 -17.01 -4.50
C ARG C 107 -19.99 -17.90 -3.43
N LYS C 108 -19.41 -17.29 -2.40
CA LYS C 108 -18.79 -17.94 -1.25
C LYS C 108 -17.87 -19.14 -1.68
N TYR C 109 -18.01 -20.31 -1.08
CA TYR C 109 -17.13 -21.45 -1.28
C TYR C 109 -17.20 -22.08 -2.69
N SER C 110 -18.12 -21.61 -3.56
CA SER C 110 -18.13 -22.07 -4.97
C SER C 110 -16.88 -21.54 -5.73
N LEU C 111 -16.24 -20.48 -5.23
CA LEU C 111 -15.03 -19.93 -5.82
C LEU C 111 -13.87 -20.74 -5.29
N ASP C 112 -13.09 -21.38 -6.15
CA ASP C 112 -11.93 -22.13 -5.69
C ASP C 112 -10.77 -21.22 -5.30
N LEU C 113 -9.81 -21.76 -4.55
CA LEU C 113 -8.65 -21.02 -4.08
C LEU C 113 -7.87 -20.33 -5.20
N ALA C 114 -7.67 -21.01 -6.34
CA ALA C 114 -6.95 -20.43 -7.46
C ALA C 114 -7.61 -19.14 -7.96
N SER C 115 -8.94 -19.06 -7.93
CA SER C 115 -9.64 -17.82 -8.31
C SER C 115 -9.41 -16.70 -7.28
N LEU C 116 -9.41 -17.01 -5.98
CA LEU C 116 -9.18 -16.00 -4.95
C LEU C 116 -7.75 -15.42 -5.07
N ILE C 117 -6.76 -16.30 -5.30
CA ILE C 117 -5.38 -15.85 -5.47
C ILE C 117 -5.25 -15.03 -6.74
N LEU C 118 -5.92 -15.44 -7.82
CA LEU C 118 -5.90 -14.67 -9.07
C LEU C 118 -6.46 -13.25 -8.86
N TYR C 119 -7.53 -13.10 -8.05
CA TYR C 119 -8.07 -11.75 -7.76
C TYR C 119 -7.05 -10.88 -7.06
N ALA C 120 -6.34 -11.45 -6.05
CA ALA C 120 -5.33 -10.72 -5.30
C ALA C 120 -4.19 -10.35 -6.24
N TYR C 121 -3.77 -11.27 -7.12
CA TYR C 121 -2.70 -11.04 -8.09
C TYR C 121 -3.10 -9.89 -9.04
N GLN C 122 -4.29 -9.95 -9.62
CA GLN C 122 -4.77 -8.92 -10.55
C GLN C 122 -4.84 -7.54 -9.88
N LEU C 123 -5.27 -7.48 -8.60
CA LEU C 123 -5.31 -6.22 -7.84
C LEU C 123 -3.90 -5.71 -7.60
N SER C 124 -2.92 -6.60 -7.31
CA SER C 124 -1.53 -6.17 -7.12
C SER C 124 -0.95 -5.58 -8.41
N THR C 125 -1.37 -6.04 -9.60
CA THR C 125 -0.87 -5.45 -10.85
C THR C 125 -1.43 -4.01 -11.04
N ALA C 126 -2.67 -3.79 -10.68
CA ALA C 126 -3.30 -2.47 -10.76
C ALA C 126 -2.62 -1.50 -9.76
N LEU C 127 -2.29 -2.00 -8.57
CA LEU C 127 -1.64 -1.24 -7.52
C LEU C 127 -0.15 -1.01 -7.82
N ALA C 128 0.53 -1.96 -8.48
CA ALA C 128 1.92 -1.76 -8.93
C ALA C 128 1.88 -0.65 -9.98
N TYR C 129 0.90 -0.64 -10.88
CA TYR C 129 0.76 0.43 -11.88
C TYR C 129 0.54 1.79 -11.18
N LEU C 130 -0.37 1.87 -10.19
CA LEU C 130 -0.56 3.13 -9.46
C LEU C 130 0.69 3.61 -8.74
N GLU C 131 1.42 2.66 -8.12
CA GLU C 131 2.68 2.94 -7.44
C GLU C 131 3.70 3.48 -8.43
N SER C 132 3.77 2.91 -9.64
CA SER C 132 4.66 3.36 -10.70
C SER C 132 4.38 4.82 -11.12
N LYS C 133 3.17 5.31 -10.89
CA LYS C 133 2.83 6.71 -11.20
C LYS C 133 2.85 7.59 -9.95
N ARG C 134 3.36 7.06 -8.81
CA ARG C 134 3.43 7.72 -7.51
C ARG C 134 2.05 8.20 -7.05
N PHE C 135 1.04 7.37 -7.27
CA PHE C 135 -0.32 7.69 -6.87
C PHE C 135 -0.67 6.86 -5.64
N VAL C 136 -1.13 7.52 -4.57
CA VAL C 136 -1.52 6.85 -3.34
C VAL C 136 -3.08 6.71 -3.32
N HIS C 137 -3.60 5.48 -3.33
CA HIS C 137 -5.04 5.23 -3.40
C HIS C 137 -5.82 5.65 -2.13
N ARG C 138 -5.33 5.21 -0.94
CA ARG C 138 -5.90 5.50 0.38
C ARG C 138 -7.12 4.70 0.77
N ASP C 139 -7.72 3.92 -0.12
CA ASP C 139 -8.97 3.23 0.20
C ASP C 139 -9.04 1.85 -0.45
N ILE C 140 -8.00 1.05 -0.28
CA ILE C 140 -7.95 -0.29 -0.81
C ILE C 140 -8.73 -1.22 0.10
N ALA C 141 -9.84 -1.73 -0.40
CA ALA C 141 -10.76 -2.62 0.32
C ALA C 141 -11.56 -3.36 -0.75
N ALA C 142 -12.07 -4.54 -0.41
CA ALA C 142 -12.85 -5.33 -1.35
C ALA C 142 -14.10 -4.59 -1.89
N ARG C 143 -14.72 -3.67 -1.12
N ARG C 143 -14.71 -3.67 -1.11
CA ARG C 143 -15.87 -2.91 -1.60
CA ARG C 143 -15.85 -2.90 -1.56
C ARG C 143 -15.50 -1.92 -2.71
C ARG C 143 -15.50 -1.95 -2.73
N ASN C 144 -14.18 -1.64 -2.91
CA ASN C 144 -13.77 -0.75 -3.99
C ASN C 144 -13.17 -1.50 -5.18
N VAL C 145 -13.41 -2.80 -5.28
CA VAL C 145 -12.95 -3.62 -6.36
C VAL C 145 -14.22 -4.13 -7.08
N LEU C 146 -14.17 -4.23 -8.39
CA LEU C 146 -15.30 -4.63 -9.20
C LEU C 146 -14.98 -5.91 -9.94
N VAL C 147 -16.00 -6.69 -10.25
CA VAL C 147 -15.82 -7.98 -10.89
C VAL C 147 -16.33 -7.89 -12.33
N SER C 148 -15.42 -8.07 -13.29
CA SER C 148 -15.75 -8.04 -14.73
C SER C 148 -16.28 -9.39 -15.21
N SER C 149 -15.73 -10.46 -14.65
CA SER C 149 -16.08 -11.83 -14.97
C SER C 149 -15.53 -12.72 -13.84
N ASN C 150 -15.82 -14.02 -13.85
CA ASN C 150 -15.29 -14.94 -12.84
C ASN C 150 -13.77 -14.96 -12.77
N ASP C 151 -13.07 -14.56 -13.86
CA ASP C 151 -11.62 -14.56 -13.82
C ASP C 151 -11.02 -13.17 -14.06
N CYS C 152 -11.74 -12.12 -13.68
CA CYS C 152 -11.23 -10.76 -13.86
C CYS C 152 -11.84 -9.78 -12.90
N VAL C 153 -10.99 -9.09 -12.13
CA VAL C 153 -11.42 -8.04 -11.21
C VAL C 153 -10.64 -6.79 -11.55
N LYS C 154 -11.28 -5.65 -11.27
CA LYS C 154 -10.70 -4.35 -11.56
C LYS C 154 -10.93 -3.40 -10.40
N LEU C 155 -9.99 -2.52 -10.17
CA LEU C 155 -10.10 -1.46 -9.18
C LEU C 155 -11.18 -0.49 -9.70
N GLY C 156 -12.14 -0.16 -8.81
CA GLY C 156 -13.27 0.71 -9.12
C GLY C 156 -12.95 2.17 -9.36
N ASP C 157 -13.98 2.95 -9.68
CA ASP C 157 -13.92 4.38 -9.95
C ASP C 157 -13.44 5.07 -8.67
N PHE C 158 -12.49 5.99 -8.79
CA PHE C 158 -11.92 6.69 -7.63
C PHE C 158 -12.86 7.79 -7.13
N LEU C 177 -14.73 6.50 7.75
CA LEU C 177 -13.37 6.04 7.52
C LEU C 177 -13.25 4.52 7.64
N PRO C 178 -12.48 3.91 6.73
CA PRO C 178 -12.29 2.47 6.82
C PRO C 178 -11.21 2.11 7.84
N ILE C 179 -11.41 2.47 9.13
CA ILE C 179 -10.46 2.21 10.22
C ILE C 179 -9.90 0.80 10.23
N LYS C 180 -10.76 -0.19 10.04
CA LYS C 180 -10.37 -1.60 10.07
C LYS C 180 -9.46 -2.02 8.93
N TRP C 181 -9.29 -1.18 7.90
CA TRP C 181 -8.41 -1.42 6.76
C TRP C 181 -7.14 -0.58 6.82
N MET C 182 -7.13 0.49 7.63
CA MET C 182 -6.06 1.47 7.64
C MET C 182 -4.80 1.08 8.39
N ALA C 183 -3.64 1.51 7.85
CA ALA C 183 -2.34 1.34 8.48
C ALA C 183 -2.33 2.18 9.78
N PRO C 184 -1.61 1.75 10.82
CA PRO C 184 -1.59 2.52 12.07
C PRO C 184 -1.21 3.99 11.93
N GLU C 185 -0.24 4.33 11.05
CA GLU C 185 0.14 5.73 10.85
C GLU C 185 -0.98 6.54 10.19
N SER C 186 -1.90 5.89 9.45
CA SER C 186 -3.04 6.57 8.84
C SER C 186 -4.11 6.87 9.92
N ILE C 187 -4.29 5.96 10.87
CA ILE C 187 -5.25 6.13 11.96
C ILE C 187 -4.74 7.19 12.94
N ASN C 188 -3.47 7.07 13.32
CA ASN C 188 -2.89 7.97 14.30
C ASN C 188 -2.55 9.34 13.78
N PHE C 189 -2.02 9.44 12.53
CA PHE C 189 -1.54 10.73 12.02
C PHE C 189 -2.12 11.16 10.69
N ARG C 190 -3.08 10.39 10.14
CA ARG C 190 -3.65 10.58 8.80
C ARG C 190 -2.57 10.64 7.70
N ARG C 191 -1.51 9.85 7.88
CA ARG C 191 -0.42 9.74 6.92
C ARG C 191 -0.79 8.66 5.90
N PHE C 192 -0.86 9.03 4.63
CA PHE C 192 -1.18 8.13 3.54
C PHE C 192 -0.05 8.14 2.52
N THR C 193 0.66 7.01 2.43
CA THR C 193 1.82 6.82 1.57
C THR C 193 1.65 5.50 0.75
N SER C 194 2.62 5.16 -0.11
CA SER C 194 2.64 3.90 -0.83
C SER C 194 2.67 2.72 0.18
N ALA C 195 3.35 2.91 1.31
CA ALA C 195 3.46 1.87 2.34
C ALA C 195 2.14 1.66 3.07
N SER C 196 1.34 2.74 3.27
CA SER C 196 0.04 2.57 3.93
C SER C 196 -0.94 1.86 2.97
N ASP C 197 -0.80 2.08 1.62
CA ASP C 197 -1.60 1.34 0.63
C ASP C 197 -1.28 -0.16 0.69
N VAL C 198 -0.04 -0.52 0.94
CA VAL C 198 0.40 -1.91 1.08
C VAL C 198 -0.29 -2.56 2.27
N TRP C 199 -0.39 -1.85 3.40
CA TRP C 199 -1.10 -2.38 4.58
C TRP C 199 -2.57 -2.70 4.23
N MET C 200 -3.27 -1.74 3.55
CA MET C 200 -4.66 -1.89 3.15
C MET C 200 -4.81 -3.05 2.18
N PHE C 201 -3.88 -3.20 1.25
CA PHE C 201 -3.90 -4.31 0.29
C PHE C 201 -3.79 -5.65 1.04
N GLY C 202 -3.00 -5.71 2.11
CA GLY C 202 -2.92 -6.91 2.95
C GLY C 202 -4.28 -7.25 3.53
N VAL C 203 -5.04 -6.21 4.00
CA VAL C 203 -6.39 -6.44 4.55
C VAL C 203 -7.34 -6.89 3.44
N CYS C 204 -7.27 -6.25 2.27
CA CYS C 204 -8.08 -6.60 1.12
C CYS C 204 -7.78 -8.06 0.68
N MET C 205 -6.53 -8.53 0.74
CA MET C 205 -6.20 -9.94 0.44
C MET C 205 -6.84 -10.86 1.49
N TRP C 206 -6.83 -10.44 2.75
CA TRP C 206 -7.46 -11.21 3.83
C TRP C 206 -8.98 -11.30 3.57
N GLU C 207 -9.62 -10.17 3.18
CA GLU C 207 -11.05 -10.15 2.84
C GLU C 207 -11.35 -11.12 1.72
N ILE C 208 -10.53 -11.16 0.66
CA ILE C 208 -10.75 -12.04 -0.48
C ILE C 208 -10.68 -13.50 -0.03
N LEU C 209 -9.61 -13.85 0.71
CA LEU C 209 -9.45 -15.21 1.20
C LEU C 209 -10.55 -15.62 2.21
N MET C 210 -11.18 -14.62 2.88
CA MET C 210 -12.29 -14.84 3.82
C MET C 210 -13.67 -14.77 3.13
N HIS C 211 -13.73 -14.71 1.76
CA HIS C 211 -14.96 -14.60 1.00
C HIS C 211 -15.80 -13.37 1.37
N GLY C 212 -15.14 -12.24 1.53
CA GLY C 212 -15.80 -10.97 1.77
C GLY C 212 -16.23 -10.67 3.19
N VAL C 213 -15.78 -11.47 4.18
CA VAL C 213 -16.08 -11.23 5.58
C VAL C 213 -15.29 -9.96 5.97
N LYS C 214 -15.92 -9.11 6.80
CA LYS C 214 -15.33 -7.86 7.25
C LYS C 214 -14.26 -8.10 8.30
N PRO C 215 -13.09 -7.42 8.19
CA PRO C 215 -12.07 -7.59 9.22
C PRO C 215 -12.52 -7.08 10.59
N PHE C 216 -11.96 -7.65 11.68
CA PHE C 216 -12.23 -7.24 13.06
C PHE C 216 -13.70 -7.18 13.44
N GLN C 217 -14.46 -8.24 13.10
CA GLN C 217 -15.87 -8.29 13.46
C GLN C 217 -16.03 -8.30 14.99
N GLY C 218 -17.01 -7.57 15.48
CA GLY C 218 -17.26 -7.48 16.91
C GLY C 218 -16.32 -6.55 17.65
N VAL C 219 -15.45 -5.82 16.92
CA VAL C 219 -14.52 -4.89 17.55
C VAL C 219 -14.94 -3.47 17.19
N LYS C 220 -14.99 -2.56 18.17
CA LYS C 220 -15.32 -1.15 17.91
C LYS C 220 -14.15 -0.49 17.18
N ASN C 221 -14.44 0.44 16.25
CA ASN C 221 -13.44 1.16 15.46
C ASN C 221 -12.36 1.81 16.34
N ASN C 222 -12.76 2.49 17.43
CA ASN C 222 -11.84 3.14 18.35
C ASN C 222 -10.90 2.15 19.08
N ASP C 223 -11.28 0.87 19.17
CA ASP C 223 -10.44 -0.14 19.81
C ASP C 223 -9.49 -0.87 18.82
N VAL C 224 -9.60 -0.58 17.51
CA VAL C 224 -8.76 -1.25 16.52
C VAL C 224 -7.27 -0.90 16.70
N ILE C 225 -6.94 0.40 16.81
CA ILE C 225 -5.54 0.84 16.96
C ILE C 225 -4.83 0.21 18.18
N GLY C 226 -5.54 0.04 19.29
CA GLY C 226 -4.96 -0.58 20.47
C GLY C 226 -4.56 -2.02 20.21
N ARG C 227 -5.42 -2.77 19.52
CA ARG C 227 -5.12 -4.16 19.19
C ARG C 227 -3.92 -4.25 18.25
N ILE C 228 -3.89 -3.41 17.20
CA ILE C 228 -2.77 -3.36 16.28
C ILE C 228 -1.46 -3.04 17.01
N GLU C 229 -1.46 -2.00 17.86
CA GLU C 229 -0.27 -1.60 18.63
C GLU C 229 0.16 -2.67 19.65
N ASN C 230 -0.75 -3.54 20.06
CA ASN C 230 -0.41 -4.67 20.92
C ASN C 230 0.13 -5.89 20.08
N GLY C 231 0.29 -5.72 18.77
CA GLY C 231 0.82 -6.76 17.89
C GLY C 231 -0.21 -7.71 17.31
N GLU C 232 -1.50 -7.50 17.63
CA GLU C 232 -2.59 -8.34 17.14
C GLU C 232 -2.84 -8.10 15.65
N ARG C 233 -3.04 -9.18 14.91
CA ARG C 233 -3.28 -9.15 13.48
C ARG C 233 -4.45 -10.08 13.16
N LEU C 234 -5.05 -9.87 11.98
CA LEU C 234 -6.13 -10.68 11.43
C LEU C 234 -5.64 -12.13 11.31
N PRO C 235 -6.47 -13.10 11.69
CA PRO C 235 -5.99 -14.50 11.69
C PRO C 235 -5.88 -15.12 10.30
N MET C 236 -5.19 -16.26 10.20
CA MET C 236 -5.05 -16.94 8.93
C MET C 236 -6.41 -17.45 8.45
N PRO C 237 -6.86 -16.99 7.26
CA PRO C 237 -8.14 -17.48 6.74
C PRO C 237 -8.10 -18.98 6.50
N PRO C 238 -9.22 -19.68 6.75
CA PRO C 238 -9.28 -21.12 6.47
C PRO C 238 -8.96 -21.39 5.00
N ASN C 239 -8.10 -22.39 4.73
CA ASN C 239 -7.67 -22.78 3.39
C ASN C 239 -6.65 -21.83 2.75
N CYS C 240 -6.20 -20.78 3.47
CA CYS C 240 -5.22 -19.85 2.90
C CYS C 240 -3.85 -20.52 2.94
N PRO C 241 -3.12 -20.57 1.82
CA PRO C 241 -1.78 -21.17 1.84
C PRO C 241 -0.86 -20.41 2.81
N PRO C 242 -0.08 -21.09 3.64
CA PRO C 242 0.79 -20.37 4.58
C PRO C 242 1.71 -19.32 3.93
N THR C 243 2.21 -19.57 2.73
CA THR C 243 3.08 -18.61 2.03
C THR C 243 2.29 -17.30 1.73
N LEU C 244 0.97 -17.41 1.46
CA LEU C 244 0.11 -16.26 1.22
C LEU C 244 -0.17 -15.51 2.53
N TYR C 245 -0.40 -16.25 3.64
CA TYR C 245 -0.63 -15.60 4.92
C TYR C 245 0.63 -14.88 5.40
N SER C 246 1.82 -15.47 5.14
CA SER C 246 3.10 -14.84 5.46
C SER C 246 3.22 -13.51 4.70
N LEU C 247 2.82 -13.50 3.43
CA LEU C 247 2.82 -12.30 2.61
C LEU C 247 1.91 -11.21 3.22
N MET C 248 0.68 -11.59 3.69
CA MET C 248 -0.20 -10.63 4.37
C MET C 248 0.50 -10.05 5.63
N THR C 249 1.12 -10.91 6.45
CA THR C 249 1.76 -10.44 7.68
C THR C 249 2.89 -9.45 7.40
N LYS C 250 3.62 -9.59 6.27
CA LYS C 250 4.65 -8.61 5.87
C LYS C 250 4.02 -7.27 5.49
N CYS C 251 2.82 -7.29 4.89
CA CYS C 251 2.05 -6.08 4.58
C CYS C 251 1.65 -5.37 5.88
N TRP C 252 1.56 -6.11 7.00
CA TRP C 252 1.15 -5.56 8.26
C TRP C 252 2.29 -5.32 9.22
N ALA C 253 3.50 -5.06 8.69
CA ALA C 253 4.63 -4.67 9.54
C ALA C 253 4.27 -3.29 10.13
N TYR C 254 4.40 -3.10 11.45
CA TYR C 254 4.05 -1.82 12.08
C TYR C 254 4.83 -0.67 11.46
N ASP C 255 6.15 -0.86 11.25
CA ASP C 255 7.01 0.12 10.64
C ASP C 255 6.77 0.07 9.14
N PRO C 256 6.27 1.16 8.55
CA PRO C 256 6.02 1.15 7.11
C PRO C 256 7.24 0.83 6.24
N SER C 257 8.46 1.18 6.70
CA SER C 257 9.67 0.89 5.93
C SER C 257 9.98 -0.61 5.80
N ARG C 258 9.37 -1.46 6.65
CA ARG C 258 9.58 -2.90 6.54
C ARG C 258 8.55 -3.59 5.66
N ARG C 259 7.54 -2.86 5.14
CA ARG C 259 6.52 -3.46 4.27
C ARG C 259 7.08 -3.65 2.87
N PRO C 260 6.65 -4.69 2.13
CA PRO C 260 7.11 -4.81 0.73
C PRO C 260 6.47 -3.74 -0.16
N ARG C 261 6.93 -3.65 -1.39
CA ARG C 261 6.34 -2.76 -2.40
C ARG C 261 5.55 -3.68 -3.36
N PHE C 262 4.82 -3.10 -4.30
CA PHE C 262 3.91 -3.85 -5.14
C PHE C 262 4.57 -4.71 -6.18
N THR C 263 5.80 -4.37 -6.65
CA THR C 263 6.49 -5.23 -7.61
C THR C 263 6.82 -6.60 -6.97
N GLU C 264 7.22 -6.60 -5.68
CA GLU C 264 7.51 -7.84 -4.95
C GLU C 264 6.20 -8.61 -4.67
N LEU C 265 5.14 -7.91 -4.27
CA LEU C 265 3.85 -8.53 -3.99
C LEU C 265 3.30 -9.22 -5.22
N LYS C 266 3.39 -8.56 -6.39
CA LYS C 266 2.95 -9.12 -7.66
C LYS C 266 3.73 -10.39 -8.04
N ALA C 267 5.07 -10.36 -7.93
CA ALA C 267 5.89 -11.54 -8.25
C ALA C 267 5.62 -12.69 -7.30
N GLN C 268 5.47 -12.42 -6.02
CA GLN C 268 5.21 -13.48 -5.04
C GLN C 268 3.80 -14.06 -5.18
N LEU C 269 2.82 -13.20 -5.57
CA LEU C 269 1.45 -13.64 -5.80
C LEU C 269 1.38 -14.55 -7.02
N SER C 270 2.18 -14.24 -8.05
CA SER C 270 2.27 -15.03 -9.28
C SER C 270 2.83 -16.44 -8.95
N THR C 271 3.84 -16.52 -8.09
CA THR C 271 4.42 -17.82 -7.68
C THR C 271 3.38 -18.62 -6.88
N ILE C 272 2.69 -17.99 -5.93
CA ILE C 272 1.67 -18.65 -5.11
C ILE C 272 0.51 -19.18 -6.00
N LEU C 273 0.09 -18.39 -7.00
CA LEU C 273 -0.97 -18.77 -7.95
C LEU C 273 -0.55 -19.99 -8.79
N GLU C 274 0.65 -19.96 -9.36
CA GLU C 274 1.15 -21.08 -10.16
C GLU C 274 1.40 -22.33 -9.29
N GLU C 275 1.73 -22.17 -7.99
CA GLU C 275 1.89 -23.33 -7.10
C GLU C 275 0.50 -23.94 -6.81
N GLU C 276 -0.55 -23.12 -6.71
CA GLU C 276 -1.90 -23.61 -6.44
C GLU C 276 -2.46 -24.32 -7.66
N LYS C 277 -2.25 -23.76 -8.86
CA LYS C 277 -2.72 -24.38 -10.10
C LYS C 277 -2.05 -25.73 -10.38
N ALA C 278 -0.89 -26.01 -9.77
CA ALA C 278 -0.23 -27.31 -9.89
C ALA C 278 -0.64 -28.16 -8.65
N GLN C 279 -1.94 -28.54 -8.59
CA GLN C 279 -2.59 -29.29 -7.51
C GLN C 279 -1.72 -30.40 -6.90
N TYR D 8 -29.31 -35.34 3.55
CA TYR D 8 -28.72 -35.96 2.37
C TYR D 8 -27.76 -34.97 1.67
N GLU D 9 -28.27 -34.08 0.81
CA GLU D 9 -27.49 -33.07 0.11
C GLU D 9 -27.76 -31.73 0.79
N ILE D 10 -26.70 -30.97 1.09
CA ILE D 10 -26.79 -29.67 1.74
C ILE D 10 -26.31 -28.57 0.80
N GLN D 11 -26.93 -27.39 0.89
CA GLN D 11 -26.55 -26.22 0.10
C GLN D 11 -25.30 -25.58 0.69
N ARG D 12 -24.32 -25.25 -0.16
CA ARG D 12 -23.08 -24.63 0.30
C ARG D 12 -23.30 -23.26 0.94
N GLU D 13 -24.28 -22.51 0.46
CA GLU D 13 -24.62 -21.20 1.01
C GLU D 13 -25.05 -21.28 2.47
N ARG D 14 -25.48 -22.47 2.97
CA ARG D 14 -25.90 -22.68 4.36
C ARG D 14 -24.75 -23.12 5.28
N ILE D 15 -23.50 -23.11 4.78
CA ILE D 15 -22.37 -23.48 5.60
C ILE D 15 -21.47 -22.26 5.79
N GLU D 16 -21.00 -22.04 7.01
CA GLU D 16 -20.00 -21.02 7.28
C GLU D 16 -18.77 -21.81 7.73
N LEU D 17 -17.68 -21.76 6.95
CA LEU D 17 -16.47 -22.50 7.25
C LEU D 17 -15.65 -21.74 8.27
N GLY D 18 -15.25 -22.42 9.32
CA GLY D 18 -14.44 -21.83 10.37
C GLY D 18 -13.02 -22.37 10.40
N ARG D 19 -12.42 -22.41 11.58
CA ARG D 19 -11.04 -22.85 11.74
C ARG D 19 -10.80 -24.34 11.52
N CYS D 20 -9.58 -24.66 11.11
CA CYS D 20 -9.17 -26.05 10.91
C CYS D 20 -9.06 -26.69 12.29
N ILE D 21 -9.68 -27.86 12.47
CA ILE D 21 -9.62 -28.59 13.73
C ILE D 21 -8.84 -29.92 13.65
N GLY D 22 -8.15 -30.16 12.54
CA GLY D 22 -7.34 -31.35 12.34
C GLY D 22 -7.30 -31.85 10.91
N GLU D 23 -6.71 -33.01 10.72
CA GLU D 23 -6.59 -33.60 9.40
C GLU D 23 -7.31 -34.93 9.31
N GLY D 24 -7.81 -35.18 8.12
CA GLY D 24 -8.40 -36.45 7.73
C GLY D 24 -7.56 -37.08 6.62
N GLN D 25 -7.91 -38.29 6.17
CA GLN D 25 -7.14 -38.96 5.11
C GLN D 25 -7.25 -38.20 3.79
N PHE D 26 -8.43 -37.65 3.50
CA PHE D 26 -8.68 -36.96 2.24
C PHE D 26 -8.42 -35.45 2.28
N GLY D 27 -8.26 -34.88 3.46
CA GLY D 27 -8.02 -33.45 3.58
C GLY D 27 -8.27 -32.91 4.98
N ASP D 28 -8.10 -31.61 5.14
CA ASP D 28 -8.31 -30.95 6.43
C ASP D 28 -9.78 -30.98 6.84
N VAL D 29 -10.01 -30.99 8.15
CA VAL D 29 -11.34 -30.95 8.73
C VAL D 29 -11.46 -29.59 9.44
N HIS D 30 -12.58 -28.90 9.23
CA HIS D 30 -12.80 -27.60 9.82
C HIS D 30 -14.01 -27.60 10.74
N GLN D 31 -14.01 -26.70 11.69
CA GLN D 31 -15.17 -26.43 12.51
C GLN D 31 -16.00 -25.44 11.65
N GLY D 32 -17.31 -25.40 11.85
CA GLY D 32 -18.16 -24.47 11.13
C GLY D 32 -19.58 -24.41 11.67
N ILE D 33 -20.46 -23.76 10.91
CA ILE D 33 -21.85 -23.65 11.29
C ILE D 33 -22.73 -24.05 10.09
N TYR D 34 -23.78 -24.82 10.36
CA TYR D 34 -24.77 -25.18 9.37
C TYR D 34 -26.02 -24.39 9.72
N MET D 35 -26.43 -23.49 8.81
CA MET D 35 -27.61 -22.67 8.99
C MET D 35 -28.80 -23.50 8.54
N SER D 36 -29.30 -24.35 9.45
CA SER D 36 -30.44 -25.26 9.31
C SER D 36 -31.63 -24.51 8.74
N PRO D 37 -32.31 -25.08 7.75
CA PRO D 37 -33.42 -24.36 7.09
C PRO D 37 -34.51 -23.78 7.99
N GLU D 38 -34.97 -24.49 9.04
CA GLU D 38 -36.04 -23.93 9.88
C GLU D 38 -35.79 -24.07 11.38
N ASN D 39 -34.55 -24.34 11.78
CA ASN D 39 -34.19 -24.52 13.18
C ASN D 39 -32.91 -23.70 13.54
N PRO D 40 -32.49 -23.65 14.83
CA PRO D 40 -31.25 -22.94 15.16
C PRO D 40 -30.03 -23.52 14.43
N ALA D 41 -29.05 -22.64 14.20
CA ALA D 41 -27.79 -22.95 13.55
C ALA D 41 -27.04 -24.01 14.35
N LEU D 42 -26.47 -25.01 13.64
CA LEU D 42 -25.76 -26.09 14.30
C LEU D 42 -24.26 -25.92 14.18
N ALA D 43 -23.52 -26.33 15.22
CA ALA D 43 -22.07 -26.35 15.20
C ALA D 43 -21.70 -27.66 14.49
N VAL D 44 -20.86 -27.60 13.46
CA VAL D 44 -20.54 -28.78 12.66
C VAL D 44 -19.04 -28.94 12.40
N ALA D 45 -18.64 -30.15 12.00
CA ALA D 45 -17.31 -30.49 11.55
C ALA D 45 -17.46 -30.68 10.03
N ILE D 46 -16.64 -30.01 9.24
CA ILE D 46 -16.70 -30.10 7.79
C ILE D 46 -15.46 -30.81 7.30
N LYS D 47 -15.64 -32.00 6.73
CA LYS D 47 -14.52 -32.77 6.21
C LYS D 47 -14.35 -32.35 4.77
N THR D 48 -13.14 -31.88 4.42
CA THR D 48 -12.84 -31.41 3.06
C THR D 48 -12.05 -32.46 2.24
N CYS D 49 -11.97 -32.27 0.92
CA CYS D 49 -11.23 -33.15 0.04
C CYS D 49 -10.32 -32.29 -0.83
N LYS D 50 -9.00 -32.44 -0.71
CA LYS D 50 -8.05 -31.63 -1.49
C LYS D 50 -8.15 -31.89 -3.00
N ASN D 51 -8.04 -33.16 -3.42
CA ASN D 51 -8.17 -33.48 -4.84
C ASN D 51 -9.31 -34.48 -5.05
N CYS D 52 -10.55 -34.00 -4.91
CA CYS D 52 -11.74 -34.82 -5.09
C CYS D 52 -12.45 -34.55 -6.43
N THR D 53 -11.75 -33.91 -7.39
CA THR D 53 -12.28 -33.65 -8.72
C THR D 53 -12.34 -34.94 -9.57
N SER D 54 -11.47 -35.92 -9.26
CA SER D 54 -11.46 -37.20 -9.96
C SER D 54 -12.49 -38.08 -9.29
N ASP D 55 -13.49 -38.54 -10.05
CA ASP D 55 -14.61 -39.38 -9.60
C ASP D 55 -14.19 -40.63 -8.81
N SER D 56 -12.94 -41.06 -8.94
CA SER D 56 -12.43 -42.21 -8.21
C SER D 56 -12.19 -41.87 -6.74
N VAL D 57 -11.69 -40.65 -6.46
CA VAL D 57 -11.40 -40.22 -5.09
C VAL D 57 -12.69 -39.81 -4.38
N ARG D 58 -13.59 -39.12 -5.09
CA ARG D 58 -14.88 -38.67 -4.58
C ARG D 58 -15.71 -39.86 -4.08
N GLU D 59 -15.71 -40.96 -4.82
CA GLU D 59 -16.46 -42.16 -4.47
C GLU D 59 -15.95 -42.78 -3.18
N LYS D 60 -14.62 -42.81 -3.00
CA LYS D 60 -14.02 -43.36 -1.80
C LYS D 60 -14.30 -42.45 -0.60
N PHE D 61 -14.22 -41.14 -0.80
CA PHE D 61 -14.47 -40.14 0.24
C PHE D 61 -15.93 -40.19 0.71
N LEU D 62 -16.88 -40.22 -0.24
CA LEU D 62 -18.30 -40.26 0.10
C LEU D 62 -18.79 -41.60 0.66
N GLN D 63 -17.97 -42.65 0.60
CA GLN D 63 -18.35 -43.94 1.16
C GLN D 63 -18.51 -43.88 2.67
N GLU D 64 -17.71 -43.05 3.35
CA GLU D 64 -17.84 -42.87 4.81
C GLU D 64 -19.21 -42.28 5.14
N ALA D 65 -19.67 -41.32 4.32
CA ALA D 65 -20.95 -40.68 4.52
C ALA D 65 -22.11 -41.66 4.28
N LEU D 66 -21.99 -42.51 3.25
CA LEU D 66 -23.00 -43.54 2.97
C LEU D 66 -23.06 -44.53 4.14
N THR D 67 -21.90 -44.89 4.68
CA THR D 67 -21.79 -45.82 5.81
C THR D 67 -22.44 -45.20 7.06
N MET D 68 -22.14 -43.93 7.34
CA MET D 68 -22.67 -43.24 8.51
C MET D 68 -24.15 -42.88 8.42
N ARG D 69 -24.71 -42.84 7.19
CA ARG D 69 -26.14 -42.61 6.98
C ARG D 69 -26.95 -43.76 7.61
N GLN D 70 -26.40 -44.99 7.55
CA GLN D 70 -26.98 -46.21 8.11
C GLN D 70 -26.94 -46.24 9.66
N PHE D 71 -26.10 -45.38 10.29
CA PHE D 71 -26.00 -45.39 11.75
C PHE D 71 -26.81 -44.33 12.46
N ASP D 72 -27.31 -44.69 13.64
CA ASP D 72 -28.11 -43.82 14.51
C ASP D 72 -27.93 -44.32 15.94
N HIS D 73 -27.00 -43.72 16.66
CA HIS D 73 -26.70 -44.11 18.02
C HIS D 73 -26.20 -42.88 18.78
N PRO D 74 -26.54 -42.74 20.07
CA PRO D 74 -26.10 -41.55 20.82
C PRO D 74 -24.58 -41.40 21.02
N HIS D 75 -23.81 -42.49 20.83
CA HIS D 75 -22.35 -42.42 21.02
C HIS D 75 -21.57 -42.68 19.71
N ILE D 76 -22.18 -42.31 18.58
CA ILE D 76 -21.58 -42.37 17.26
C ILE D 76 -21.86 -41.00 16.63
N VAL D 77 -20.81 -40.34 16.12
CA VAL D 77 -20.95 -39.02 15.52
C VAL D 77 -21.98 -39.02 14.37
N LYS D 78 -22.89 -38.07 14.39
CA LYS D 78 -23.98 -37.96 13.43
C LYS D 78 -23.57 -37.31 12.11
N LEU D 79 -24.00 -37.90 10.98
CA LEU D 79 -23.79 -37.29 9.68
C LEU D 79 -24.91 -36.27 9.52
N ILE D 80 -24.59 -35.02 9.20
CA ILE D 80 -25.60 -33.99 8.95
C ILE D 80 -26.00 -34.04 7.47
N GLY D 81 -25.01 -34.10 6.60
CA GLY D 81 -25.22 -34.16 5.15
C GLY D 81 -23.93 -34.07 4.36
N VAL D 82 -24.05 -33.99 3.03
CA VAL D 82 -22.89 -33.89 2.13
C VAL D 82 -23.13 -32.82 1.06
N ILE D 83 -22.06 -32.30 0.49
CA ILE D 83 -22.12 -31.37 -0.63
C ILE D 83 -21.33 -32.08 -1.72
N THR D 84 -22.02 -32.52 -2.80
CA THR D 84 -21.41 -33.32 -3.86
C THR D 84 -20.71 -32.47 -4.95
N GLU D 85 -20.98 -31.16 -5.00
CA GLU D 85 -20.30 -30.30 -5.97
C GLU D 85 -18.87 -30.01 -5.49
N ASN D 86 -17.95 -29.68 -6.42
CA ASN D 86 -16.56 -29.37 -6.06
C ASN D 86 -16.48 -27.99 -5.38
N PRO D 87 -15.82 -27.86 -4.21
CA PRO D 87 -15.15 -28.91 -3.43
C PRO D 87 -16.10 -29.76 -2.61
N VAL D 88 -15.99 -31.08 -2.72
CA VAL D 88 -16.83 -32.03 -2.02
C VAL D 88 -16.59 -31.97 -0.52
N TRP D 89 -17.67 -31.82 0.27
CA TRP D 89 -17.59 -31.77 1.73
C TRP D 89 -18.52 -32.79 2.38
N ILE D 90 -18.13 -33.29 3.54
CA ILE D 90 -18.98 -34.14 4.36
C ILE D 90 -19.21 -33.33 5.64
N ILE D 91 -20.48 -33.08 5.98
CA ILE D 91 -20.84 -32.30 7.15
C ILE D 91 -21.24 -33.22 8.28
N MET D 92 -20.56 -33.14 9.42
CA MET D 92 -20.85 -33.96 10.60
C MET D 92 -21.21 -33.07 11.79
N GLU D 93 -21.84 -33.63 12.83
CA GLU D 93 -22.09 -32.85 14.06
C GLU D 93 -20.71 -32.61 14.72
N LEU D 94 -20.55 -31.43 15.30
CA LEU D 94 -19.27 -31.09 15.95
C LEU D 94 -19.31 -31.59 17.40
N CYS D 95 -18.32 -32.40 17.78
CA CYS D 95 -18.20 -32.77 19.22
C CYS D 95 -17.35 -31.64 19.76
N THR D 96 -18.00 -30.71 20.44
CA THR D 96 -17.39 -29.45 20.83
C THR D 96 -16.06 -29.53 21.56
N LEU D 97 -15.99 -30.39 22.57
CA LEU D 97 -14.81 -30.50 23.41
C LEU D 97 -13.59 -31.21 22.79
N GLY D 98 -13.69 -31.63 21.54
CA GLY D 98 -12.56 -32.17 20.81
C GLY D 98 -12.19 -33.63 20.99
N GLU D 99 -10.92 -33.94 20.71
CA GLU D 99 -10.37 -35.29 20.78
C GLU D 99 -10.35 -35.78 22.20
N LEU D 100 -10.69 -37.04 22.43
CA LEU D 100 -10.67 -37.65 23.78
C LEU D 100 -9.27 -37.67 24.37
N ARG D 101 -8.25 -38.01 23.57
CA ARG D 101 -6.86 -38.07 24.00
C ARG D 101 -6.41 -36.76 24.65
N SER D 102 -6.60 -35.65 23.95
CA SER D 102 -6.25 -34.32 24.39
C SER D 102 -7.06 -33.90 25.64
N PHE D 103 -8.36 -34.21 25.66
CA PHE D 103 -9.27 -33.91 26.76
C PHE D 103 -8.80 -34.60 28.04
N LEU D 104 -8.42 -35.87 27.95
CA LEU D 104 -7.94 -36.63 29.10
C LEU D 104 -6.60 -36.09 29.61
N GLN D 105 -5.69 -35.74 28.69
CA GLN D 105 -4.38 -35.23 29.08
C GLN D 105 -4.50 -33.89 29.81
N VAL D 106 -5.42 -33.02 29.38
CA VAL D 106 -5.65 -31.73 30.02
C VAL D 106 -6.30 -31.91 31.41
N ARG D 107 -7.27 -32.80 31.52
CA ARG D 107 -7.96 -33.02 32.78
C ARG D 107 -7.47 -34.26 33.51
N LYS D 108 -6.19 -34.64 33.35
CA LYS D 108 -5.63 -35.82 33.98
C LYS D 108 -5.64 -35.77 35.50
N TYR D 109 -5.57 -34.58 36.08
CA TYR D 109 -5.58 -34.44 37.53
C TYR D 109 -6.96 -34.11 38.09
N SER D 110 -8.04 -34.25 37.30
CA SER D 110 -9.36 -33.84 37.79
C SER D 110 -10.48 -34.77 37.42
N LEU D 111 -10.35 -35.57 36.34
CA LEU D 111 -11.42 -36.48 35.95
C LEU D 111 -11.41 -37.67 36.89
N ASP D 112 -12.54 -37.93 37.57
CA ASP D 112 -12.61 -39.07 38.47
C ASP D 112 -12.72 -40.38 37.70
N LEU D 113 -12.45 -41.49 38.38
CA LEU D 113 -12.51 -42.82 37.83
C LEU D 113 -13.87 -43.15 37.23
N ALA D 114 -14.97 -42.74 37.87
CA ALA D 114 -16.32 -42.98 37.36
C ALA D 114 -16.52 -42.36 35.99
N SER D 115 -15.92 -41.17 35.75
CA SER D 115 -15.99 -40.51 34.44
C SER D 115 -15.29 -41.38 33.38
N LEU D 116 -14.11 -41.92 33.72
CA LEU D 116 -13.31 -42.78 32.85
C LEU D 116 -14.05 -44.06 32.48
N ILE D 117 -14.66 -44.72 33.48
CA ILE D 117 -15.41 -45.94 33.22
C ILE D 117 -16.66 -45.64 32.38
N LEU D 118 -17.30 -44.49 32.61
CA LEU D 118 -18.47 -44.08 31.83
C LEU D 118 -18.10 -43.94 30.34
N TYR D 119 -16.93 -43.35 30.01
CA TYR D 119 -16.52 -43.21 28.62
C TYR D 119 -16.33 -44.57 27.96
N ALA D 120 -15.70 -45.52 28.68
CA ALA D 120 -15.49 -46.88 28.17
C ALA D 120 -16.83 -47.57 27.97
N TYR D 121 -17.76 -47.40 28.93
CA TYR D 121 -19.10 -47.99 28.83
C TYR D 121 -19.83 -47.45 27.60
N GLN D 122 -19.83 -46.13 27.38
CA GLN D 122 -20.53 -45.53 26.25
C GLN D 122 -19.95 -46.02 24.94
N LEU D 123 -18.61 -46.13 24.86
CA LEU D 123 -17.97 -46.66 23.65
C LEU D 123 -18.37 -48.12 23.43
N SER D 124 -18.54 -48.91 24.50
CA SER D 124 -18.97 -50.30 24.37
C SER D 124 -20.42 -50.41 23.85
N THR D 125 -21.28 -49.43 24.16
CA THR D 125 -22.66 -49.45 23.64
C THR D 125 -22.64 -49.13 22.14
N ALA D 126 -21.77 -48.20 21.70
CA ALA D 126 -21.63 -47.83 20.30
C ALA D 126 -21.07 -49.03 19.51
N LEU D 127 -20.11 -49.75 20.09
CA LEU D 127 -19.49 -50.91 19.45
C LEU D 127 -20.40 -52.14 19.47
N ALA D 128 -21.27 -52.26 20.49
CA ALA D 128 -22.26 -53.33 20.50
C ALA D 128 -23.28 -53.06 19.39
N TYR D 129 -23.67 -51.78 19.20
CA TYR D 129 -24.58 -51.38 18.14
C TYR D 129 -23.97 -51.71 16.78
N LEU D 130 -22.69 -51.35 16.56
CA LEU D 130 -21.99 -51.61 15.30
C LEU D 130 -21.85 -53.10 15.04
N GLU D 131 -21.60 -53.90 16.10
CA GLU D 131 -21.49 -55.35 16.00
C GLU D 131 -22.86 -55.94 15.60
N SER D 132 -23.95 -55.40 16.15
CA SER D 132 -25.31 -55.83 15.81
C SER D 132 -25.64 -55.59 14.33
N LYS D 133 -24.98 -54.63 13.69
CA LYS D 133 -25.16 -54.36 12.26
C LYS D 133 -24.06 -55.01 11.39
N ARG D 134 -23.23 -55.88 11.98
CA ARG D 134 -22.13 -56.59 11.33
C ARG D 134 -21.14 -55.62 10.71
N PHE D 135 -20.86 -54.52 11.42
CA PHE D 135 -19.91 -53.53 10.94
C PHE D 135 -18.62 -53.65 11.75
N VAL D 136 -17.47 -53.79 11.06
CA VAL D 136 -16.17 -53.88 11.71
C VAL D 136 -15.47 -52.52 11.56
N HIS D 137 -15.15 -51.85 12.68
CA HIS D 137 -14.53 -50.52 12.70
C HIS D 137 -13.08 -50.50 12.19
N ARG D 138 -12.21 -51.39 12.72
CA ARG D 138 -10.80 -51.56 12.34
C ARG D 138 -9.84 -50.52 12.90
N ASP D 139 -10.33 -49.45 13.56
CA ASP D 139 -9.44 -48.39 14.03
C ASP D 139 -9.91 -47.81 15.36
N ILE D 140 -10.19 -48.68 16.33
CA ILE D 140 -10.63 -48.26 17.63
C ILE D 140 -9.43 -47.83 18.46
N ALA D 141 -9.37 -46.55 18.76
CA ALA D 141 -8.30 -45.89 19.50
C ALA D 141 -8.84 -44.59 20.07
N ALA D 142 -8.25 -44.11 21.17
CA ALA D 142 -8.69 -42.86 21.80
C ALA D 142 -8.61 -41.65 20.85
N ARG D 143 -7.70 -41.69 19.87
CA ARG D 143 -7.58 -40.59 18.89
C ARG D 143 -8.83 -40.49 17.98
N ASN D 144 -9.59 -41.59 17.86
CA ASN D 144 -10.80 -41.59 17.05
C ASN D 144 -12.09 -41.42 17.85
N VAL D 145 -11.98 -41.06 19.13
CA VAL D 145 -13.09 -40.83 20.02
C VAL D 145 -13.14 -39.32 20.33
N LEU D 146 -14.33 -38.72 20.25
CA LEU D 146 -14.52 -37.30 20.48
C LEU D 146 -15.40 -37.02 21.69
N VAL D 147 -15.24 -35.84 22.28
CA VAL D 147 -15.98 -35.46 23.48
C VAL D 147 -17.08 -34.46 23.15
N SER D 148 -18.35 -34.87 23.29
CA SER D 148 -19.49 -33.99 23.04
C SER D 148 -19.72 -33.05 24.23
N SER D 149 -19.59 -33.61 25.44
CA SER D 149 -19.77 -32.94 26.71
C SER D 149 -18.98 -33.73 27.78
N ASN D 150 -18.90 -33.22 29.02
CA ASN D 150 -18.19 -33.91 30.09
C ASN D 150 -18.68 -35.33 30.35
N ASP D 151 -19.94 -35.62 30.01
CA ASP D 151 -20.47 -36.96 30.24
C ASP D 151 -20.93 -37.65 28.96
N CYS D 152 -20.30 -37.31 27.83
CA CYS D 152 -20.67 -37.91 26.56
C CYS D 152 -19.53 -37.95 25.58
N VAL D 153 -19.17 -39.17 25.16
CA VAL D 153 -18.16 -39.39 24.12
C VAL D 153 -18.83 -40.04 22.93
N LYS D 154 -18.24 -39.86 21.76
CA LYS D 154 -18.75 -40.42 20.53
C LYS D 154 -17.62 -40.99 19.70
N LEU D 155 -17.84 -42.14 19.07
CA LEU D 155 -16.85 -42.77 18.21
C LEU D 155 -16.96 -42.11 16.83
N GLY D 156 -15.84 -41.73 16.25
CA GLY D 156 -15.81 -41.14 14.92
C GLY D 156 -14.92 -41.91 13.94
N ASP D 157 -14.68 -41.31 12.77
CA ASP D 157 -13.85 -41.86 11.68
C ASP D 157 -14.31 -43.24 11.20
N PHE D 158 -14.96 -43.28 10.03
CA PHE D 158 -15.45 -44.54 9.49
C PHE D 158 -15.04 -44.70 8.02
N LYS D 176 0.21 -44.74 8.13
CA LYS D 176 0.85 -45.83 8.85
C LYS D 176 -0.17 -46.65 9.64
N LEU D 177 0.05 -47.97 9.75
CA LEU D 177 -0.84 -48.87 10.46
C LEU D 177 -0.77 -48.68 11.97
N PRO D 178 -1.92 -48.75 12.66
CA PRO D 178 -1.91 -48.62 14.11
C PRO D 178 -1.52 -49.94 14.82
N ILE D 179 -0.31 -50.43 14.57
CA ILE D 179 0.24 -51.69 15.10
C ILE D 179 0.02 -51.86 16.60
N LYS D 180 0.28 -50.80 17.38
CA LYS D 180 0.17 -50.83 18.85
C LYS D 180 -1.25 -51.04 19.37
N TRP D 181 -2.25 -50.92 18.50
CA TRP D 181 -3.66 -51.12 18.86
C TRP D 181 -4.23 -52.40 18.26
N MET D 182 -3.57 -52.97 17.23
CA MET D 182 -4.09 -54.09 16.47
C MET D 182 -3.97 -55.47 17.10
N ALA D 183 -4.99 -56.29 16.85
CA ALA D 183 -5.00 -57.70 17.27
C ALA D 183 -3.94 -58.44 16.46
N PRO D 184 -3.32 -59.47 17.04
CA PRO D 184 -2.26 -60.19 16.31
C PRO D 184 -2.66 -60.73 14.94
N GLU D 185 -3.90 -61.25 14.79
CA GLU D 185 -4.36 -61.75 13.49
C GLU D 185 -4.47 -60.61 12.45
N SER D 186 -4.68 -59.35 12.89
CA SER D 186 -4.76 -58.21 11.99
C SER D 186 -3.37 -57.79 11.51
N ILE D 187 -2.36 -57.93 12.37
CA ILE D 187 -0.97 -57.59 12.05
C ILE D 187 -0.40 -58.68 11.12
N ASN D 188 -0.56 -59.94 11.52
CA ASN D 188 0.00 -61.07 10.80
C ASN D 188 -0.72 -61.43 9.51
N PHE D 189 -2.06 -61.38 9.49
CA PHE D 189 -2.80 -61.85 8.31
C PHE D 189 -3.78 -60.85 7.71
N ARG D 190 -3.78 -59.60 8.18
CA ARG D 190 -4.71 -58.56 7.76
C ARG D 190 -6.18 -58.98 7.98
N ARG D 191 -6.44 -59.75 9.05
CA ARG D 191 -7.78 -60.21 9.38
C ARG D 191 -8.46 -59.21 10.31
N PHE D 192 -9.59 -58.65 9.88
CA PHE D 192 -10.35 -57.69 10.68
C PHE D 192 -11.77 -58.18 10.87
N THR D 193 -12.08 -58.54 12.10
CA THR D 193 -13.38 -59.09 12.50
C THR D 193 -13.92 -58.30 13.73
N SER D 194 -15.12 -58.67 14.22
CA SER D 194 -15.63 -58.09 15.46
C SER D 194 -14.72 -58.45 16.63
N ALA D 195 -14.06 -59.64 16.60
CA ALA D 195 -13.13 -60.04 17.66
C ALA D 195 -11.85 -59.19 17.65
N SER D 196 -11.37 -58.78 16.46
CA SER D 196 -10.18 -57.92 16.39
C SER D 196 -10.55 -56.49 16.88
N ASP D 197 -11.79 -56.05 16.68
CA ASP D 197 -12.29 -54.78 17.21
C ASP D 197 -12.29 -54.82 18.75
N VAL D 198 -12.60 -56.00 19.33
CA VAL D 198 -12.61 -56.19 20.79
C VAL D 198 -11.20 -56.00 21.34
N TRP D 199 -10.19 -56.53 20.64
CA TRP D 199 -8.78 -56.35 21.07
C TRP D 199 -8.44 -54.83 21.11
N MET D 200 -8.76 -54.10 20.03
CA MET D 200 -8.50 -52.66 19.91
C MET D 200 -9.25 -51.89 20.98
N PHE D 201 -10.50 -52.28 21.27
CA PHE D 201 -11.31 -51.65 22.31
C PHE D 201 -10.63 -51.82 23.67
N GLY D 202 -10.00 -52.98 23.92
CA GLY D 202 -9.24 -53.20 25.14
C GLY D 202 -8.10 -52.20 25.26
N VAL D 203 -7.39 -51.94 24.15
CA VAL D 203 -6.31 -50.95 24.14
C VAL D 203 -6.87 -49.53 24.37
N CYS D 204 -7.99 -49.21 23.72
CA CYS D 204 -8.65 -47.92 23.88
C CYS D 204 -9.10 -47.73 25.35
N MET D 205 -9.58 -48.79 26.04
CA MET D 205 -9.94 -48.70 27.46
C MET D 205 -8.69 -48.43 28.29
N TRP D 206 -7.56 -49.06 27.94
CA TRP D 206 -6.29 -48.84 28.61
C TRP D 206 -5.87 -47.35 28.45
N GLU D 207 -5.99 -46.81 27.23
CA GLU D 207 -5.69 -45.40 26.95
C GLU D 207 -6.55 -44.46 27.82
N ILE D 208 -7.85 -44.75 27.97
CA ILE D 208 -8.74 -43.94 28.78
C ILE D 208 -8.32 -43.96 30.24
N LEU D 209 -8.08 -45.16 30.77
CA LEU D 209 -7.66 -45.32 32.16
C LEU D 209 -6.25 -44.72 32.41
N MET D 210 -5.43 -44.59 31.35
CA MET D 210 -4.10 -43.96 31.41
C MET D 210 -4.15 -42.43 31.12
N HIS D 211 -5.34 -41.83 31.04
CA HIS D 211 -5.54 -40.41 30.75
C HIS D 211 -4.92 -39.97 29.42
N GLY D 212 -5.11 -40.78 28.39
CA GLY D 212 -4.65 -40.43 27.05
C GLY D 212 -3.20 -40.70 26.72
N VAL D 213 -2.51 -41.50 27.54
CA VAL D 213 -1.14 -41.89 27.25
C VAL D 213 -1.20 -42.95 26.12
N LYS D 214 -0.26 -42.92 25.15
CA LYS D 214 -0.28 -43.90 24.07
C LYS D 214 0.29 -45.24 24.56
N PRO D 215 -0.25 -46.37 24.03
CA PRO D 215 0.29 -47.69 24.41
C PRO D 215 1.69 -47.93 23.83
N PHE D 216 2.52 -48.68 24.55
CA PHE D 216 3.87 -49.05 24.15
C PHE D 216 4.76 -47.87 23.76
N GLN D 217 4.74 -46.78 24.57
CA GLN D 217 5.60 -45.63 24.27
C GLN D 217 7.06 -46.02 24.36
N GLY D 218 7.86 -45.53 23.41
CA GLY D 218 9.28 -45.85 23.35
C GLY D 218 9.60 -47.21 22.79
N VAL D 219 8.59 -47.95 22.29
CA VAL D 219 8.80 -49.26 21.71
C VAL D 219 8.58 -49.16 20.18
N LYS D 220 9.48 -49.74 19.38
CA LYS D 220 9.32 -49.74 17.93
C LYS D 220 8.16 -50.68 17.55
N ASN D 221 7.40 -50.33 16.50
CA ASN D 221 6.27 -51.10 16.01
C ASN D 221 6.60 -52.57 15.77
N ASN D 222 7.74 -52.86 15.11
CA ASN D 222 8.21 -54.22 14.82
C ASN D 222 8.53 -55.03 16.08
N ASP D 223 8.91 -54.36 17.16
CA ASP D 223 9.22 -55.04 18.42
C ASP D 223 7.94 -55.34 19.22
N VAL D 224 6.86 -54.59 19.00
CA VAL D 224 5.60 -54.79 19.71
C VAL D 224 5.03 -56.18 19.41
N ILE D 225 5.06 -56.54 18.12
CA ILE D 225 4.57 -57.81 17.62
C ILE D 225 5.22 -58.99 18.34
N GLY D 226 6.54 -58.96 18.46
CA GLY D 226 7.32 -59.97 19.15
C GLY D 226 7.02 -60.10 20.65
N ARG D 227 6.78 -58.97 21.34
CA ARG D 227 6.42 -58.91 22.76
C ARG D 227 5.03 -59.52 22.97
N ILE D 228 4.06 -59.16 22.12
CA ILE D 228 2.71 -59.70 22.23
C ILE D 228 2.66 -61.20 22.01
N GLU D 229 3.36 -61.74 21.00
CA GLU D 229 3.41 -63.18 20.80
C GLU D 229 4.08 -63.92 21.97
N ASN D 230 4.95 -63.23 22.71
CA ASN D 230 5.58 -63.81 23.90
C ASN D 230 4.67 -63.66 25.16
N GLY D 231 3.42 -63.23 24.98
CA GLY D 231 2.45 -63.11 26.05
C GLY D 231 2.41 -61.76 26.76
N GLU D 232 3.25 -60.82 26.33
CA GLU D 232 3.30 -59.52 26.97
C GLU D 232 2.09 -58.67 26.64
N ARG D 233 1.59 -57.98 27.66
CA ARG D 233 0.41 -57.12 27.54
C ARG D 233 0.66 -55.78 28.25
N LEU D 234 -0.15 -54.76 27.91
CA LEU D 234 -0.11 -53.44 28.52
C LEU D 234 -0.35 -53.59 30.03
N PRO D 235 0.41 -52.87 30.86
CA PRO D 235 0.28 -53.06 32.30
C PRO D 235 -0.98 -52.46 32.91
N MET D 236 -1.31 -52.85 34.15
CA MET D 236 -2.49 -52.31 34.82
C MET D 236 -2.31 -50.83 35.08
N PRO D 237 -3.20 -49.97 34.52
CA PRO D 237 -3.09 -48.54 34.79
C PRO D 237 -3.25 -48.25 36.27
N PRO D 238 -2.49 -47.29 36.82
CA PRO D 238 -2.66 -46.94 38.25
C PRO D 238 -4.11 -46.50 38.52
N ASN D 239 -4.69 -46.99 39.61
CA ASN D 239 -6.09 -46.70 39.98
C ASN D 239 -7.15 -47.44 39.15
N CYS D 240 -6.75 -48.31 38.24
CA CYS D 240 -7.71 -49.10 37.47
C CYS D 240 -8.22 -50.23 38.38
N PRO D 241 -9.55 -50.38 38.52
CA PRO D 241 -10.07 -51.47 39.36
C PRO D 241 -9.63 -52.83 38.81
N PRO D 242 -9.17 -53.76 39.65
CA PRO D 242 -8.73 -55.07 39.14
C PRO D 242 -9.75 -55.80 38.26
N THR D 243 -11.06 -55.67 38.54
CA THR D 243 -12.10 -56.29 37.74
C THR D 243 -12.08 -55.72 36.29
N LEU D 244 -11.78 -54.42 36.16
CA LEU D 244 -11.69 -53.75 34.86
C LEU D 244 -10.42 -54.19 34.12
N TYR D 245 -9.30 -54.31 34.83
CA TYR D 245 -8.06 -54.76 34.18
C TYR D 245 -8.20 -56.22 33.75
N SER D 246 -8.91 -57.05 34.53
CA SER D 246 -9.16 -58.44 34.14
C SER D 246 -9.97 -58.49 32.85
N LEU D 247 -10.96 -57.59 32.71
CA LEU D 247 -11.79 -57.49 31.51
C LEU D 247 -10.95 -57.05 30.30
N MET D 248 -9.97 -56.14 30.51
CA MET D 248 -9.05 -55.70 29.47
C MET D 248 -8.21 -56.88 28.98
N THR D 249 -7.67 -57.70 29.92
CA THR D 249 -6.86 -58.86 29.60
C THR D 249 -7.66 -59.91 28.79
N LYS D 250 -8.97 -60.04 29.04
CA LYS D 250 -9.81 -60.96 28.25
C LYS D 250 -9.96 -60.43 26.80
N CYS D 251 -10.01 -59.11 26.61
CA CYS D 251 -10.02 -58.53 25.25
C CYS D 251 -8.70 -58.85 24.51
N TRP D 252 -7.61 -59.12 25.26
CA TRP D 252 -6.33 -59.41 24.68
C TRP D 252 -5.98 -60.90 24.67
N ALA D 253 -7.00 -61.77 24.61
CA ALA D 253 -6.76 -63.21 24.45
C ALA D 253 -6.16 -63.39 23.04
N TYR D 254 -5.05 -64.14 22.90
CA TYR D 254 -4.42 -64.33 21.60
C TYR D 254 -5.39 -64.94 20.57
N ASP D 255 -6.13 -65.96 21.00
CA ASP D 255 -7.13 -66.62 20.18
C ASP D 255 -8.36 -65.73 20.17
N PRO D 256 -8.76 -65.23 19.00
CA PRO D 256 -9.95 -64.36 18.94
C PRO D 256 -11.24 -64.98 19.48
N SER D 257 -11.37 -66.32 19.38
CA SER D 257 -12.56 -67.01 19.87
C SER D 257 -12.71 -66.93 21.40
N ARG D 258 -11.62 -66.65 22.13
CA ARG D 258 -11.68 -66.54 23.59
C ARG D 258 -11.95 -65.11 24.09
N ARG D 259 -12.04 -64.12 23.18
CA ARG D 259 -12.34 -62.75 23.54
C ARG D 259 -13.83 -62.59 23.79
N PRO D 260 -14.23 -61.71 24.73
CA PRO D 260 -15.66 -61.48 24.92
C PRO D 260 -16.27 -60.75 23.74
N ARG D 261 -17.61 -60.74 23.67
CA ARG D 261 -18.33 -59.99 22.64
C ARG D 261 -18.72 -58.60 23.23
N PHE D 262 -19.24 -57.66 22.41
CA PHE D 262 -19.59 -56.34 22.94
C PHE D 262 -20.79 -56.33 23.86
N THR D 263 -21.72 -57.29 23.71
CA THR D 263 -22.87 -57.37 24.61
C THR D 263 -22.38 -57.71 26.03
N GLU D 264 -21.39 -58.60 26.15
CA GLU D 264 -20.81 -58.98 27.43
C GLU D 264 -19.97 -57.83 28.00
N LEU D 265 -19.19 -57.13 27.15
CA LEU D 265 -18.36 -56.00 27.59
C LEU D 265 -19.23 -54.90 28.14
N LYS D 266 -20.35 -54.59 27.47
CA LYS D 266 -21.30 -53.57 27.90
C LYS D 266 -21.92 -53.91 29.26
N ALA D 267 -22.38 -55.16 29.46
CA ALA D 267 -22.95 -55.57 30.74
C ALA D 267 -21.92 -55.55 31.87
N GLN D 268 -20.69 -55.99 31.60
CA GLN D 268 -19.65 -56.00 32.61
C GLN D 268 -19.15 -54.60 32.97
N LEU D 269 -19.09 -53.71 31.98
CA LEU D 269 -18.68 -52.32 32.20
C LEU D 269 -19.76 -51.58 33.01
N SER D 270 -21.04 -51.91 32.77
CA SER D 270 -22.15 -51.33 33.52
C SER D 270 -22.03 -51.71 35.00
N THR D 271 -21.68 -52.97 35.30
CA THR D 271 -21.50 -53.43 36.68
C THR D 271 -20.31 -52.71 37.33
N ILE D 272 -19.18 -52.62 36.62
CA ILE D 272 -17.98 -51.94 37.11
C ILE D 272 -18.21 -50.43 37.35
N LEU D 273 -19.02 -49.79 36.50
CA LEU D 273 -19.35 -48.38 36.63
C LEU D 273 -20.25 -48.17 37.86
N GLU D 274 -21.24 -49.07 38.04
CA GLU D 274 -22.14 -49.04 39.18
C GLU D 274 -21.37 -49.27 40.49
N GLU D 275 -20.40 -50.20 40.49
CA GLU D 275 -19.59 -50.50 41.67
C GLU D 275 -18.72 -49.30 42.07
N GLU D 276 -18.24 -48.54 41.07
CA GLU D 276 -17.40 -47.37 41.35
C GLU D 276 -18.25 -46.23 41.88
N LYS D 277 -19.43 -46.01 41.29
CA LYS D 277 -20.34 -44.96 41.76
C LYS D 277 -20.84 -45.18 43.19
N ALA D 278 -20.80 -46.44 43.68
CA ALA D 278 -21.18 -46.77 45.04
C ALA D 278 -19.91 -46.81 45.91
N GLN D 279 -19.34 -45.62 46.13
CA GLN D 279 -18.12 -45.39 46.93
C GLN D 279 -17.92 -43.88 47.11
C4 P1E E . -3.61 42.38 7.64
C6 P1E E . -5.96 42.37 8.17
C9 P1E E . -2.10 40.76 6.39
C13 P1E E . -0.55 39.39 5.50
F22 P1E E . -1.15 36.07 5.67
C15 P1E E . -1.05 37.05 4.78
F16 P1E E . -1.73 36.69 3.72
F21 P1E E . 0.21 37.04 4.38
C12 P1E E . -1.48 38.37 5.33
N14 P1E E . -0.84 40.59 6.00
C11 P1E E . -2.81 38.69 5.73
N8 P1E E . -3.83 37.80 5.56
C25 P1E E . -5.22 38.11 5.94
C28 P1E E . -5.47 37.94 7.45
C31 P1E E . -6.51 36.86 7.59
C27 P1E E . -7.33 36.99 6.36
C24 P1E E . -6.29 37.19 5.24
N26 P1E E . -6.85 37.80 4.01
C30 P1E E . -5.88 38.05 2.96
C29 P1E E . -8.00 37.07 3.46
N10 P1E E . -3.09 39.87 6.27
N7 P1E E . -2.45 41.91 7.01
C5 P1E E . -4.89 41.84 7.48
C3 P1E E . -3.43 43.46 8.51
C2 P1E E . -4.50 43.98 9.20
C1 P1E E . -5.76 43.45 9.02
S18 P1E E . -7.15 44.20 9.84
O19 P1E E . -8.20 43.23 9.88
O20 P1E E . -6.67 44.79 11.06
N17 P1E E . -7.71 45.39 8.90
C23 P1E E . -6.89 46.59 8.69
C4 P1E F . 39.70 -0.60 -5.59
C6 P1E F . 41.14 1.33 -5.78
C9 P1E F . 37.71 -1.07 -4.08
C13 P1E F . 36.03 -1.79 -2.75
F22 P1E F . 35.92 -0.47 0.37
C15 P1E F . 35.22 -0.50 -0.77
F16 P1E F . 34.46 0.59 -0.80
F21 P1E F . 34.36 -1.50 -0.63
C12 P1E F . 36.10 -0.64 -1.98
N14 P1E F . 36.80 -2.02 -3.82
C11 P1E F . 37.06 0.33 -2.39
N8 P1E F . 37.15 1.53 -1.79
C25 P1E F . 38.11 2.56 -2.21
C28 P1E F . 39.52 2.31 -1.65
C31 P1E F . 39.79 3.43 -0.70
C27 P1E F . 39.08 4.61 -1.32
C24 P1E F . 37.74 4.02 -1.76
N26 P1E F . 37.04 4.78 -2.81
C30 P1E F . 35.73 4.24 -3.17
C29 P1E F . 36.92 6.22 -2.53
N10 P1E F . 37.87 0.07 -3.43
N7 P1E F . 38.57 -1.29 -5.11
C5 P1E F . 39.97 0.74 -5.32
C3 P1E F . 40.62 -1.35 -6.30
C2 P1E F . 41.79 -0.77 -6.77
C1 P1E F . 42.03 0.57 -6.52
S18 P1E F . 43.50 1.32 -7.16
O19 P1E F . 43.68 2.56 -6.46
O20 P1E F . 44.53 0.34 -7.14
N17 P1E F . 43.21 1.71 -8.71
C23 P1E F . 42.96 0.66 -9.69
S SO4 G . 7.65 6.53 -1.41
O1 SO4 G . 7.28 7.74 -2.17
O2 SO4 G . 6.78 5.43 -1.75
O3 SO4 G . 9.01 6.16 -1.71
O4 SO4 G . 7.51 6.81 0.01
C4 P1E H . -21.82 -3.11 -11.35
C6 P1E H . -23.12 -3.20 -9.31
C9 P1E H . -20.05 -1.49 -12.16
C13 P1E H . -18.53 -0.15 -13.16
F22 P1E H . -18.87 3.21 -12.48
C15 P1E H . -18.01 2.15 -12.35
F16 P1E H . -17.21 2.40 -11.32
F21 P1E H . -17.20 2.21 -13.44
C12 P1E H . -18.71 0.83 -12.21
N14 P1E H . -19.17 -1.32 -13.17
C11 P1E H . -19.62 0.50 -11.15
N8 P1E H . -19.81 1.36 -10.11
C25 P1E H . -20.68 1.05 -8.96
C28 P1E H . -22.17 1.28 -9.26
C31 P1E H . -22.60 2.44 -8.40
C27 P1E H . -21.77 2.29 -7.16
C24 P1E H . -20.40 1.92 -7.69
N26 P1E H . -19.48 1.26 -6.74
C30 P1E H . -18.10 1.17 -7.23
C29 P1E H . -19.93 -0.05 -6.27
N10 P1E H . -20.27 -0.65 -11.15
N7 P1E H . -20.79 -2.63 -12.17
C5 P1E H . -22.10 -2.65 -10.05
C3 P1E H . -22.61 -4.12 -11.88
C2 P1E H . -23.64 -4.68 -11.15
C1 P1E H . -23.89 -4.22 -9.87
S18 P1E H . -25.20 -4.93 -8.94
O19 P1E H . -25.48 -4.06 -7.85
O20 P1E H . -26.26 -5.29 -9.83
N17 P1E H . -24.66 -6.31 -8.30
C23 P1E H . -24.46 -7.45 -9.18
C4 P1E I . -13.46 -31.27 17.44
C6 P1E I . -11.06 -31.06 17.53
C9 P1E I . -14.92 -32.92 16.21
C13 P1E I . -16.47 -34.12 15.07
F22 P1E I . -15.57 -35.05 11.90
C15 P1E I . -15.91 -35.54 13.09
F16 P1E I . -15.38 -36.77 13.18
F21 P1E I . -17.25 -35.69 13.00
C12 P1E I . -15.51 -34.66 14.23
N14 P1E I . -16.21 -33.26 16.06
C11 P1E I . -14.16 -34.28 14.52
N8 P1E I . -13.12 -34.85 13.87
C25 P1E I . -11.72 -34.58 14.16
C28 P1E I . -11.24 -33.27 13.51
C31 P1E I . -10.26 -33.70 12.42
C27 P1E I . -9.59 -34.93 12.96
C24 P1E I . -10.73 -35.70 13.64
N26 P1E I . -10.34 -36.67 14.68
C30 P1E I . -11.45 -37.45 15.23
C29 P1E I . -9.26 -37.57 14.28
N10 P1E I . -13.88 -33.41 15.51
N7 P1E I . -14.65 -31.92 17.08
C5 P1E I . -12.19 -31.75 17.15
C3 P1E I . -13.58 -30.06 18.13
C2 P1E I . -12.45 -29.35 18.51
C1 P1E I . -11.20 -29.86 18.21
S18 P1E I . -9.76 -28.98 18.72
O19 P1E I . -8.64 -29.51 18.00
O20 P1E I . -10.04 -27.58 18.64
N17 P1E I . -9.51 -29.31 20.28
C23 P1E I . -10.44 -28.76 21.27
#